data_5UCM
#
_entry.id   5UCM
#
_cell.length_a   85.830
_cell.length_b   101.540
_cell.length_c   187.240
_cell.angle_alpha   90.000
_cell.angle_beta   90.000
_cell.angle_gamma   90.000
#
_symmetry.space_group_name_H-M   'P 21 21 21'
#
loop_
_entity.id
_entity.type
_entity.pdbx_description
1 polymer 'Proline--tRNA ligase'
2 non-polymer 'MAGNESIUM ION'
3 water water
#
_entity_poly.entity_id   1
_entity_poly.type   'polypeptide(L)'
_entity_poly.pdbx_seq_one_letter_code
;MAHHHHHHMRTSQYLLSTLKETPADAVVISHQLLLRAGMIRRLASGLYTWLPMGLRVLRKVETIVREEMNAAGALEVLMP
AVQPAELWQESGRWEQYGPELLRLKDRHEREFCVGPTHEEVITDLARNELNSYKQLPINFYQIQTKFRDEIRPRFGLMRG
REFIMKDAYSFHLSQDSLQQTYDGMYQAYSKIFSRLGLDFRPVQADNGSIGGSGSHEFHVLANSGEDDIVFSDSSDYAAN
IEKAEAVPRESARGSATEDMRLVDTPNTKTIAALVDGFQLPIEKTIKTLVVHGAEEGTLVALIVRGDHELNEIKAANQPL
VASPLVFASEAEIRAAIGAGPGSLGPVNLPIACIVDRSVALMSDFAAGANIEDKHYFGVNWERDLPLPEVADLRNVVEGD
PSPDGKGTLVIKRGIEVGHIFQLGTKYSEAMKLSVLSEQGKPVNLIMGCYGIGVSRVVAAAIEQNHDERGILWPSALAPF
QIALVPLKYETESVKQATDKLYAELTAAGFEVLLDDRDKKTSPGVKFADMELIGIPHRIVISDRGLSEGVLEYKGRRDSE
SQNLPIGELMSFITEKLSR
;
_entity_poly.pdbx_strand_id   A,B
#
loop_
_chem_comp.id
_chem_comp.type
_chem_comp.name
_chem_comp.formula
MG non-polymer 'MAGNESIUM ION' 'Mg 2'
#
# COMPACT_ATOMS: atom_id res chain seq x y z
N ARG A 10 -21.71 15.97 8.72
CA ARG A 10 -20.28 16.00 8.57
C ARG A 10 -19.61 15.35 9.78
N THR A 11 -20.11 15.67 10.99
CA THR A 11 -19.64 14.96 12.19
C THR A 11 -20.49 13.74 12.50
N SER A 12 -21.73 13.70 12.00
CA SER A 12 -22.50 12.46 11.98
C SER A 12 -21.76 11.34 11.27
N GLN A 13 -20.75 11.69 10.48
CA GLN A 13 -19.97 10.76 9.68
C GLN A 13 -18.59 10.53 10.25
N TYR A 14 -17.85 11.61 10.50
CA TYR A 14 -16.42 11.54 10.78
C TYR A 14 -16.08 11.03 12.19
N LEU A 15 -16.98 11.23 13.16
CA LEU A 15 -16.65 10.96 14.57
C LEU A 15 -16.92 9.53 15.00
N LEU A 16 -17.77 8.82 14.28
CA LEU A 16 -18.10 7.42 14.58
C LEU A 16 -18.66 7.40 16.00
N SER A 17 -18.34 6.40 16.83
CA SER A 17 -18.85 6.38 18.20
C SER A 17 -18.11 7.35 19.12
N PRO A 23 -10.49 2.54 25.85
CA PRO A 23 -9.06 2.70 26.17
C PRO A 23 -8.63 1.76 27.31
N ALA A 24 -7.82 0.74 26.99
CA ALA A 24 -7.36 -0.21 28.01
C ALA A 24 -5.87 -0.47 27.91
N ASP A 25 -5.45 -1.23 26.90
CA ASP A 25 -4.05 -1.61 26.71
C ASP A 25 -3.18 -0.46 26.19
N ALA A 26 -3.67 0.79 26.27
CA ALA A 26 -2.95 1.97 25.80
C ALA A 26 -2.22 2.61 26.98
N VAL A 27 -0.91 2.80 26.84
CA VAL A 27 -0.10 3.22 27.98
C VAL A 27 0.67 4.51 27.67
N VAL A 28 0.99 4.75 26.39
CA VAL A 28 1.61 6.01 25.98
C VAL A 28 0.53 6.94 25.43
N ILE A 29 0.77 8.24 25.56
CA ILE A 29 -0.30 9.20 25.40
C ILE A 29 -0.79 9.24 23.95
N SER A 30 0.13 9.14 22.98
CA SER A 30 -0.30 9.25 21.59
C SER A 30 -1.22 8.10 21.21
N HIS A 31 -1.05 6.95 21.86
CA HIS A 31 -1.91 5.81 21.55
C HIS A 31 -3.31 6.01 22.12
N GLN A 32 -3.41 6.47 23.36
CA GLN A 32 -4.73 6.74 23.93
C GLN A 32 -5.47 7.81 23.14
N LEU A 33 -4.75 8.88 22.76
CA LEU A 33 -5.42 9.97 22.05
C LEU A 33 -5.82 9.58 20.62
N LEU A 34 -4.95 8.86 19.91
CA LEU A 34 -5.36 8.36 18.59
C LEU A 34 -6.56 7.44 18.69
N LEU A 35 -6.67 6.68 19.77
CA LEU A 35 -7.85 5.84 19.95
C LEU A 35 -9.07 6.70 20.30
N ARG A 36 -8.92 7.61 21.26
CA ARG A 36 -10.08 8.37 21.72
C ARG A 36 -10.53 9.43 20.74
N ALA A 37 -9.65 9.98 19.92
CA ALA A 37 -10.09 10.96 18.93
C ALA A 37 -10.55 10.31 17.63
N GLY A 38 -10.69 8.99 17.61
CA GLY A 38 -11.18 8.31 16.43
C GLY A 38 -10.27 8.41 15.23
N MET A 39 -8.96 8.42 15.46
CA MET A 39 -7.98 8.48 14.38
C MET A 39 -7.58 7.11 13.88
N ILE A 40 -7.42 6.14 14.79
CA ILE A 40 -7.08 4.77 14.44
C ILE A 40 -7.92 3.85 15.31
N ARG A 41 -8.05 2.61 14.84
CA ARG A 41 -8.56 1.56 15.71
C ARG A 41 -7.82 0.25 15.38
N ARG A 42 -7.75 -0.61 16.38
CA ARG A 42 -6.97 -1.83 16.28
C ARG A 42 -7.75 -2.93 15.57
N LEU A 43 -7.04 -3.68 14.72
CA LEU A 43 -7.57 -4.85 14.05
C LEU A 43 -7.04 -6.14 14.67
N ALA A 44 -5.74 -6.17 14.89
CA ALA A 44 -5.03 -7.20 15.63
C ALA A 44 -3.72 -6.59 16.08
N SER A 45 -2.85 -7.42 16.67
CA SER A 45 -1.67 -6.92 17.35
C SER A 45 -0.73 -6.19 16.37
N GLY A 46 -0.46 -4.92 16.66
CA GLY A 46 0.35 -4.13 15.74
C GLY A 46 -0.29 -3.75 14.41
N LEU A 47 -1.58 -4.06 14.19
CA LEU A 47 -2.26 -3.74 12.94
C LEU A 47 -3.40 -2.77 13.23
N TYR A 48 -3.35 -1.59 12.64
CA TYR A 48 -4.32 -0.54 12.97
C TYR A 48 -4.92 0.03 11.69
N THR A 49 -6.24 0.23 11.72
CA THR A 49 -7.00 0.89 10.65
C THR A 49 -6.97 2.39 10.84
N TRP A 50 -6.55 3.11 9.81
CA TRP A 50 -6.74 4.57 9.79
C TRP A 50 -8.23 4.88 9.58
N LEU A 51 -8.87 5.45 10.59
CA LEU A 51 -10.24 5.94 10.47
C LEU A 51 -10.26 7.24 9.65
N PRO A 52 -11.44 7.68 9.18
CA PRO A 52 -11.47 8.85 8.28
C PRO A 52 -10.77 10.08 8.83
N MET A 53 -10.98 10.40 10.10
CA MET A 53 -10.23 11.50 10.69
C MET A 53 -8.74 11.24 10.65
N GLY A 54 -8.32 10.00 10.90
CA GLY A 54 -6.91 9.70 10.98
C GLY A 54 -6.21 9.78 9.64
N LEU A 55 -6.86 9.28 8.59
CA LEU A 55 -6.26 9.28 7.26
C LEU A 55 -5.94 10.70 6.79
N ARG A 56 -6.76 11.67 7.19
CA ARG A 56 -6.52 13.05 6.76
C ARG A 56 -5.19 13.55 7.29
N VAL A 57 -4.87 13.22 8.54
CA VAL A 57 -3.61 13.66 9.13
C VAL A 57 -2.45 12.96 8.44
N LEU A 58 -2.57 11.64 8.23
CA LEU A 58 -1.48 10.89 7.62
C LEU A 58 -1.16 11.39 6.21
N ARG A 59 -2.20 11.72 5.42
CA ARG A 59 -1.96 12.26 4.07
C ARG A 59 -1.25 13.61 4.14
N LYS A 60 -1.60 14.45 5.12
CA LYS A 60 -0.90 15.72 5.23
C LYS A 60 0.58 15.51 5.49
N VAL A 61 0.93 14.44 6.21
CA VAL A 61 2.34 14.11 6.41
C VAL A 61 2.98 13.66 5.10
N GLU A 62 2.35 12.70 4.42
CA GLU A 62 2.92 12.18 3.18
C GLU A 62 3.15 13.29 2.16
N THR A 63 2.14 14.14 1.96
CA THR A 63 2.27 15.23 0.99
C THR A 63 3.52 16.05 1.24
N ILE A 64 3.78 16.38 2.50
CA ILE A 64 4.93 17.21 2.81
C ILE A 64 6.21 16.44 2.54
N VAL A 65 6.21 15.15 2.85
CA VAL A 65 7.39 14.31 2.62
C VAL A 65 7.66 14.19 1.13
N ARG A 66 6.61 13.94 0.35
CA ARG A 66 6.75 13.80 -1.08
C ARG A 66 7.26 15.09 -1.73
N GLU A 67 6.75 16.24 -1.30
CA GLU A 67 7.22 17.51 -1.86
C GLU A 67 8.72 17.67 -1.68
N GLU A 68 9.21 17.36 -0.49
CA GLU A 68 10.62 17.61 -0.21
C GLU A 68 11.51 16.54 -0.81
N MET A 69 11.03 15.30 -0.89
CA MET A 69 11.72 14.27 -1.65
C MET A 69 11.90 14.69 -3.11
N ASN A 70 10.83 15.22 -3.72
CA ASN A 70 10.90 15.59 -5.12
C ASN A 70 11.79 16.81 -5.32
N ALA A 71 11.61 17.83 -4.48
CA ALA A 71 12.47 19.01 -4.58
C ALA A 71 13.94 18.63 -4.45
N ALA A 72 14.24 17.61 -3.64
CA ALA A 72 15.60 17.13 -3.50
C ALA A 72 16.03 16.26 -4.68
N GLY A 73 15.19 16.08 -5.69
CA GLY A 73 15.59 15.43 -6.92
C GLY A 73 15.49 13.92 -6.90
N ALA A 74 14.69 13.35 -6.00
CA ALA A 74 14.48 11.92 -5.95
C ALA A 74 13.24 11.56 -6.76
N LEU A 75 13.21 10.31 -7.23
CA LEU A 75 12.19 9.84 -8.18
C LEU A 75 11.31 8.80 -7.51
N GLU A 76 10.01 9.07 -7.45
CA GLU A 76 9.09 8.18 -6.76
C GLU A 76 8.76 6.95 -7.60
N VAL A 77 8.91 5.78 -6.97
CA VAL A 77 8.50 4.50 -7.53
C VAL A 77 7.51 3.90 -6.54
N LEU A 78 6.99 2.72 -6.88
CA LEU A 78 6.16 1.94 -5.95
C LEU A 78 6.48 0.47 -6.18
N MET A 79 7.20 -0.16 -5.23
CA MET A 79 7.69 -1.53 -5.27
C MET A 79 6.74 -2.48 -4.55
N PRO A 80 6.71 -3.74 -4.99
CA PRO A 80 5.76 -4.70 -4.43
C PRO A 80 5.99 -4.94 -2.94
N ALA A 81 4.90 -5.27 -2.25
CA ALA A 81 5.02 -5.60 -0.83
C ALA A 81 5.48 -7.05 -0.65
N VAL A 82 4.93 -7.96 -1.43
CA VAL A 82 5.31 -9.38 -1.43
C VAL A 82 6.58 -9.55 -2.27
N GLN A 83 7.65 -10.04 -1.66
CA GLN A 83 8.97 -10.07 -2.30
C GLN A 83 9.52 -11.49 -2.37
N PRO A 84 10.05 -11.93 -3.51
CA PRO A 84 10.53 -13.32 -3.61
C PRO A 84 11.73 -13.58 -2.71
N ALA A 85 11.73 -14.77 -2.11
CA ALA A 85 12.79 -15.13 -1.17
C ALA A 85 14.15 -15.19 -1.86
N GLU A 86 14.19 -15.54 -3.15
CA GLU A 86 15.48 -15.67 -3.83
C GLU A 86 16.27 -14.37 -3.79
N LEU A 87 15.57 -13.23 -3.81
CA LEU A 87 16.30 -11.97 -3.70
C LEU A 87 16.89 -11.82 -2.32
N TRP A 88 16.14 -12.22 -1.29
CA TRP A 88 16.63 -12.12 0.07
C TRP A 88 17.77 -13.09 0.31
N GLN A 89 17.81 -14.21 -0.43
CA GLN A 89 18.91 -15.16 -0.28
C GLN A 89 20.20 -14.65 -0.90
N GLU A 90 20.12 -13.76 -1.89
CA GLU A 90 21.35 -13.21 -2.48
C GLU A 90 22.13 -12.40 -1.46
N SER A 91 21.45 -11.69 -0.58
CA SER A 91 22.10 -10.91 0.45
C SER A 91 22.26 -11.65 1.76
N GLY A 92 21.69 -12.86 1.88
CA GLY A 92 21.72 -13.57 3.12
C GLY A 92 20.74 -13.10 4.17
N ARG A 93 19.93 -12.07 3.87
CA ARG A 93 18.98 -11.60 4.88
C ARG A 93 17.79 -12.52 5.03
N TRP A 94 17.54 -13.40 4.05
CA TRP A 94 16.42 -14.34 4.17
C TRP A 94 16.46 -15.11 5.49
N GLU A 95 17.64 -15.51 5.91
CA GLU A 95 17.84 -16.08 7.24
C GLU A 95 18.31 -15.03 8.24
N GLN A 96 19.20 -14.12 7.82
CA GLN A 96 19.87 -13.24 8.78
C GLN A 96 18.92 -12.23 9.39
N TYR A 97 17.83 -11.87 8.71
CA TYR A 97 16.95 -10.80 9.21
C TYR A 97 16.19 -11.22 10.46
N GLY A 98 15.99 -12.51 10.68
CA GLY A 98 15.50 -12.99 11.95
C GLY A 98 14.01 -13.23 11.93
N PRO A 99 13.43 -13.48 13.11
CA PRO A 99 11.98 -13.71 13.18
C PRO A 99 11.15 -12.47 12.91
N GLU A 100 11.77 -11.31 12.75
CA GLU A 100 11.01 -10.12 12.37
C GLU A 100 10.60 -10.18 10.90
N LEU A 101 11.11 -11.14 10.14
CA LEU A 101 10.75 -11.28 8.74
C LEU A 101 9.48 -12.12 8.64
N LEU A 102 8.43 -11.55 8.05
CA LEU A 102 7.21 -12.31 7.76
C LEU A 102 7.40 -13.08 6.46
N ARG A 103 7.42 -14.41 6.56
CA ARG A 103 7.63 -15.31 5.44
C ARG A 103 6.34 -16.05 5.11
N LEU A 104 6.17 -16.40 3.84
CA LEU A 104 5.00 -17.16 3.39
C LEU A 104 5.39 -17.98 2.16
N LYS A 105 4.44 -18.82 1.72
CA LYS A 105 4.55 -19.54 0.46
C LYS A 105 3.30 -19.30 -0.36
N ASP A 106 3.45 -19.19 -1.67
CA ASP A 106 2.27 -19.02 -2.51
C ASP A 106 1.66 -20.38 -2.78
N ARG A 107 0.62 -20.41 -3.61
CA ARG A 107 -0.05 -21.67 -3.92
C ARG A 107 0.88 -22.65 -4.63
N HIS A 108 1.90 -22.17 -5.34
CA HIS A 108 2.87 -23.01 -6.00
C HIS A 108 4.08 -23.34 -5.12
N GLU A 109 3.99 -23.08 -3.83
CA GLU A 109 5.03 -23.38 -2.86
C GLU A 109 6.28 -22.54 -3.07
N ARG A 110 6.21 -21.48 -3.89
CA ARG A 110 7.30 -20.52 -3.98
C ARG A 110 7.34 -19.67 -2.72
N GLU A 111 8.52 -19.21 -2.35
CA GLU A 111 8.72 -18.54 -1.08
C GLU A 111 8.86 -17.04 -1.23
N PHE A 112 8.24 -16.30 -0.31
CA PHE A 112 8.29 -14.85 -0.29
C PHE A 112 8.35 -14.34 1.15
N CYS A 113 8.65 -13.05 1.27
CA CYS A 113 8.35 -12.31 2.48
C CYS A 113 7.36 -11.20 2.16
N VAL A 114 6.71 -10.70 3.21
CA VAL A 114 6.07 -9.38 3.15
C VAL A 114 7.11 -8.41 3.70
N GLY A 115 7.65 -7.58 2.81
CA GLY A 115 8.89 -6.90 3.08
C GLY A 115 8.86 -5.90 4.21
N PRO A 116 9.91 -5.89 4.99
CA PRO A 116 10.09 -4.83 5.98
C PRO A 116 10.81 -3.64 5.40
N THR A 117 11.49 -3.85 4.28
CA THR A 117 12.33 -2.86 3.60
C THR A 117 12.65 -3.41 2.20
N HIS A 118 13.36 -2.62 1.39
CA HIS A 118 13.40 -2.93 -0.04
C HIS A 118 14.81 -2.89 -0.64
N GLU A 119 15.86 -3.06 0.16
CA GLU A 119 17.21 -2.97 -0.38
C GLU A 119 17.43 -3.95 -1.52
N GLU A 120 17.07 -5.22 -1.33
CA GLU A 120 17.28 -6.22 -2.37
C GLU A 120 16.44 -5.90 -3.61
N VAL A 121 15.18 -5.53 -3.42
CA VAL A 121 14.31 -5.21 -4.54
C VAL A 121 14.89 -4.05 -5.36
N ILE A 122 15.24 -2.94 -4.68
CA ILE A 122 15.71 -1.77 -5.42
C ILE A 122 17.10 -2.02 -6.02
N THR A 123 17.93 -2.83 -5.38
CA THR A 123 19.19 -3.25 -6.00
C THR A 123 18.91 -4.14 -7.22
N ASP A 124 17.90 -5.00 -7.13
CA ASP A 124 17.50 -5.79 -8.29
C ASP A 124 17.02 -4.90 -9.43
N LEU A 125 16.16 -3.91 -9.10
CA LEU A 125 15.73 -2.93 -10.08
C LEU A 125 16.93 -2.28 -10.75
N ALA A 126 17.90 -1.85 -9.94
CA ALA A 126 19.04 -1.12 -10.47
C ALA A 126 19.86 -1.99 -11.42
N ARG A 127 19.98 -3.29 -11.12
CA ARG A 127 20.71 -4.20 -12.02
C ARG A 127 20.18 -4.12 -13.43
N ASN A 128 18.86 -3.99 -13.56
CA ASN A 128 18.19 -3.99 -14.85
C ASN A 128 18.01 -2.60 -15.45
N GLU A 129 18.16 -1.55 -14.64
CA GLU A 129 17.82 -0.21 -15.09
C GLU A 129 18.99 0.75 -15.08
N LEU A 130 20.00 0.52 -14.25
CA LEU A 130 21.16 1.40 -14.21
C LEU A 130 22.28 0.69 -14.96
N ASN A 131 22.45 1.04 -16.22
CA ASN A 131 23.44 0.44 -17.10
C ASN A 131 24.47 1.43 -17.65
N SER A 132 24.32 2.74 -17.38
CA SER A 132 25.24 3.75 -17.87
C SER A 132 25.56 4.75 -16.77
N TYR A 133 26.83 5.18 -16.72
CA TYR A 133 27.26 6.17 -15.73
C TYR A 133 26.53 7.51 -15.90
N LYS A 134 26.10 7.82 -17.12
CA LYS A 134 25.33 9.03 -17.37
C LYS A 134 23.97 9.05 -16.65
N GLN A 135 23.51 7.91 -16.13
CA GLN A 135 22.31 7.91 -15.31
C GLN A 135 22.56 8.13 -13.83
N LEU A 136 23.82 8.35 -13.41
CA LEU A 136 24.16 8.49 -12.00
C LEU A 136 24.64 9.91 -11.70
N PRO A 137 24.39 10.42 -10.48
CA PRO A 137 23.67 9.75 -9.37
C PRO A 137 22.16 9.67 -9.60
N ILE A 138 21.50 8.77 -8.87
CA ILE A 138 20.05 8.60 -8.96
C ILE A 138 19.56 8.18 -7.59
N ASN A 139 18.38 8.68 -7.24
CA ASN A 139 17.84 8.49 -5.89
C ASN A 139 16.36 8.13 -6.04
N PHE A 140 16.02 6.88 -5.71
CA PHE A 140 14.65 6.37 -5.79
C PHE A 140 14.03 6.37 -4.40
N TYR A 141 12.73 6.70 -4.32
CA TYR A 141 12.01 6.55 -3.07
C TYR A 141 10.57 6.16 -3.35
N GLN A 142 9.93 5.60 -2.33
CA GLN A 142 8.53 5.24 -2.36
C GLN A 142 7.93 5.56 -1.00
N ILE A 143 6.62 5.73 -0.97
CA ILE A 143 5.87 5.78 0.29
C ILE A 143 4.95 4.56 0.28
N GLN A 144 5.29 3.56 1.10
CA GLN A 144 4.72 2.24 0.94
C GLN A 144 4.63 1.53 2.29
N THR A 145 3.60 0.69 2.43
CA THR A 145 3.39 -0.05 3.67
C THR A 145 4.42 -1.16 3.86
N LYS A 146 5.01 -1.22 5.05
CA LYS A 146 5.92 -2.31 5.38
C LYS A 146 5.28 -3.19 6.45
N PHE A 147 5.84 -4.39 6.60
CA PHE A 147 5.50 -5.29 7.70
C PHE A 147 6.77 -5.72 8.42
N ARG A 148 6.80 -5.51 9.73
CA ARG A 148 7.90 -5.99 10.56
C ARG A 148 7.28 -6.76 11.71
N ASP A 149 7.66 -8.04 11.87
CA ASP A 149 7.01 -8.91 12.84
C ASP A 149 7.66 -8.75 14.22
N GLU A 150 7.51 -7.53 14.76
CA GLU A 150 7.91 -7.21 16.13
C GLU A 150 7.41 -8.26 17.12
N ILE A 151 8.30 -8.68 18.03
CA ILE A 151 7.93 -9.75 18.95
C ILE A 151 6.83 -9.31 19.90
N ARG A 152 6.88 -8.07 20.39
CA ARG A 152 5.89 -7.52 21.32
C ARG A 152 5.40 -6.17 20.79
N PRO A 153 4.48 -6.17 19.84
CA PRO A 153 4.02 -4.89 19.26
C PRO A 153 3.30 -4.08 20.31
N ARG A 154 3.61 -2.78 20.35
CA ARG A 154 3.16 -1.92 21.45
C ARG A 154 3.23 -0.46 21.02
N PHE A 155 2.80 0.42 21.94
CA PHE A 155 2.86 1.87 21.76
C PHE A 155 2.09 2.34 20.54
N GLY A 156 1.02 1.63 20.19
CA GLY A 156 0.19 2.03 19.06
C GLY A 156 0.98 2.12 17.77
N LEU A 157 0.99 3.31 17.16
CA LEU A 157 1.67 3.50 15.89
C LEU A 157 3.18 3.44 16.01
N MET A 158 3.73 3.60 17.22
CA MET A 158 5.17 3.72 17.32
C MET A 158 5.90 2.40 17.19
N ARG A 159 5.25 1.28 17.53
CA ARG A 159 5.86 -0.03 17.38
C ARG A 159 4.82 -1.04 16.91
N GLY A 160 4.09 -0.68 15.85
CA GLY A 160 3.19 -1.61 15.19
C GLY A 160 3.94 -2.58 14.30
N ARG A 161 3.17 -3.46 13.66
CA ARG A 161 3.76 -4.42 12.72
C ARG A 161 3.62 -3.96 11.27
N GLU A 162 2.51 -3.34 10.94
CA GLU A 162 2.30 -2.71 9.65
C GLU A 162 2.39 -1.21 9.86
N PHE A 163 3.28 -0.56 9.11
CA PHE A 163 3.49 0.87 9.24
C PHE A 163 3.86 1.40 7.87
N ILE A 164 3.60 2.68 7.67
CA ILE A 164 3.91 3.37 6.43
C ILE A 164 5.26 4.05 6.57
N MET A 165 6.05 3.95 5.53
CA MET A 165 7.45 4.30 5.54
C MET A 165 7.76 4.96 4.21
N LYS A 166 8.42 6.11 4.23
CA LYS A 166 9.08 6.63 3.04
C LYS A 166 10.52 6.11 3.08
N ASP A 167 10.83 5.20 2.15
CA ASP A 167 12.17 4.62 2.09
C ASP A 167 12.82 5.00 0.75
N ALA A 168 14.05 5.51 0.83
CA ALA A 168 14.77 5.99 -0.33
C ALA A 168 16.12 5.31 -0.41
N TYR A 169 16.62 5.21 -1.63
CA TYR A 169 17.87 4.53 -1.93
C TYR A 169 18.52 5.27 -3.08
N SER A 170 19.78 5.65 -2.90
CA SER A 170 20.52 6.42 -3.89
C SER A 170 21.74 5.63 -4.35
N PHE A 171 22.14 5.84 -5.60
CA PHE A 171 23.20 5.06 -6.21
C PHE A 171 24.24 5.99 -6.82
N HIS A 172 25.52 5.59 -6.71
CA HIS A 172 26.63 6.50 -6.95
C HIS A 172 27.83 5.75 -7.48
N LEU A 173 28.70 6.48 -8.15
CA LEU A 173 29.95 5.91 -8.67
C LEU A 173 31.15 6.25 -7.81
N SER A 174 31.00 7.15 -6.84
CA SER A 174 32.12 7.57 -6.01
C SER A 174 31.57 7.90 -4.65
N GLN A 175 32.44 7.93 -3.64
CA GLN A 175 32.00 8.28 -2.31
C GLN A 175 31.55 9.73 -2.24
N ASP A 176 32.25 10.63 -2.95
CA ASP A 176 31.86 12.04 -2.96
C ASP A 176 30.45 12.22 -3.50
N SER A 177 30.13 11.50 -4.58
CA SER A 177 28.77 11.57 -5.13
C SER A 177 27.74 11.21 -4.08
N LEU A 178 27.99 10.13 -3.33
CA LEU A 178 27.08 9.74 -2.27
C LEU A 178 26.92 10.86 -1.24
N GLN A 179 28.04 11.43 -0.79
CA GLN A 179 28.00 12.43 0.26
C GLN A 179 27.13 13.63 -0.13
N GLN A 180 27.23 14.08 -1.38
CA GLN A 180 26.36 15.15 -1.85
C GLN A 180 24.88 14.77 -1.71
N THR A 181 24.48 13.66 -2.31
CA THR A 181 23.09 13.22 -2.20
C THR A 181 22.71 13.01 -0.74
N TYR A 182 23.61 12.40 0.04
CA TYR A 182 23.41 12.24 1.47
C TYR A 182 23.11 13.58 2.14
N ASP A 183 23.88 14.61 1.80
CA ASP A 183 23.68 15.90 2.44
C ASP A 183 22.35 16.53 2.04
N GLY A 184 21.95 16.36 0.78
CA GLY A 184 20.65 16.88 0.38
C GLY A 184 19.48 16.15 1.05
N MET A 185 19.66 14.87 1.36
CA MET A 185 18.66 14.16 2.15
C MET A 185 18.63 14.68 3.57
N TYR A 186 19.79 14.99 4.13
CA TYR A 186 19.87 15.62 5.44
C TYR A 186 19.11 16.94 5.46
N GLN A 187 19.39 17.81 4.48
CA GLN A 187 18.69 19.09 4.40
C GLN A 187 17.19 18.89 4.18
N ALA A 188 16.82 17.94 3.32
CA ALA A 188 15.40 17.75 3.02
C ALA A 188 14.65 17.21 4.22
N TYR A 189 15.27 16.32 5.00
CA TYR A 189 14.63 15.86 6.22
C TYR A 189 14.35 17.03 7.17
N SER A 190 15.29 17.97 7.31
CA SER A 190 15.06 19.11 8.19
C SER A 190 13.93 20.00 7.67
N LYS A 191 13.91 20.25 6.36
CA LYS A 191 12.77 20.92 5.75
C LYS A 191 11.48 20.19 6.08
N ILE A 192 11.48 18.86 5.97
CA ILE A 192 10.29 18.07 6.27
C ILE A 192 9.87 18.28 7.73
N PHE A 193 10.78 18.03 8.67
CA PHE A 193 10.36 18.06 10.07
C PHE A 193 10.07 19.47 10.54
N SER A 194 10.68 20.48 9.92
CA SER A 194 10.27 21.86 10.18
C SER A 194 8.83 22.11 9.73
N ARG A 195 8.47 21.66 8.54
CA ARG A 195 7.12 21.91 8.04
C ARG A 195 6.08 21.17 8.86
N LEU A 196 6.40 19.98 9.35
CA LEU A 196 5.57 19.24 10.29
C LEU A 196 5.49 19.90 11.66
N GLY A 197 6.11 21.05 11.88
CA GLY A 197 5.98 21.74 13.15
C GLY A 197 6.53 20.99 14.35
N LEU A 198 7.50 20.12 14.13
CA LEU A 198 8.07 19.35 15.22
C LEU A 198 9.33 20.01 15.77
N ASP A 199 9.55 19.84 17.07
CA ASP A 199 10.84 20.15 17.67
C ASP A 199 11.71 18.90 17.59
N PHE A 200 12.56 18.85 16.58
CA PHE A 200 13.41 17.72 16.29
C PHE A 200 14.86 18.13 16.43
N ARG A 201 15.72 17.13 16.44
CA ARG A 201 17.15 17.35 16.37
C ARG A 201 17.71 16.20 15.53
N PRO A 202 18.65 16.50 14.65
CA PRO A 202 19.42 15.43 14.01
C PRO A 202 20.66 15.16 14.85
N VAL A 203 20.94 13.88 15.05
CA VAL A 203 22.07 13.44 15.85
C VAL A 203 22.94 12.51 15.03
N GLN A 204 24.25 12.50 15.34
CA GLN A 204 25.13 11.45 14.85
C GLN A 204 24.63 10.11 15.36
N ALA A 205 24.85 9.08 14.55
CA ALA A 205 24.29 7.76 14.83
C ALA A 205 25.36 6.71 14.57
N ASP A 206 25.04 5.50 14.98
CA ASP A 206 25.90 4.35 14.72
C ASP A 206 26.00 4.11 13.22
N ASN A 207 27.24 4.02 12.74
CA ASN A 207 27.54 3.80 11.33
C ASN A 207 28.25 2.47 11.07
N GLY A 208 28.52 1.67 12.11
CA GLY A 208 29.23 0.43 11.97
C GLY A 208 30.72 0.49 12.25
N SER A 209 31.30 1.68 12.33
CA SER A 209 32.75 1.87 12.48
C SER A 209 33.04 2.73 13.69
N ILE A 210 34.30 2.68 14.14
CA ILE A 210 34.78 3.60 15.16
C ILE A 210 34.97 4.98 14.53
N GLY A 211 34.41 6.01 15.17
CA GLY A 211 34.51 7.33 14.61
C GLY A 211 33.75 7.45 13.30
N GLY A 212 34.19 8.39 12.47
CA GLY A 212 33.60 8.62 11.16
C GLY A 212 32.13 8.98 11.17
N SER A 213 31.63 9.49 10.04
CA SER A 213 30.26 9.95 9.93
C SER A 213 29.48 9.00 9.03
N GLY A 214 28.48 9.53 8.33
CA GLY A 214 27.72 8.71 7.41
C GLY A 214 26.47 8.08 7.97
N SER A 215 26.11 8.36 9.23
CA SER A 215 24.81 7.93 9.74
C SER A 215 24.25 9.00 10.66
N HIS A 216 23.07 9.51 10.34
CA HIS A 216 22.39 10.46 11.20
C HIS A 216 20.97 9.98 11.45
N GLU A 217 20.51 10.19 12.68
CA GLU A 217 19.12 9.94 13.07
C GLU A 217 18.41 11.27 13.30
N PHE A 218 17.14 11.33 12.92
CA PHE A 218 16.32 12.50 13.22
C PHE A 218 15.33 12.10 14.32
N HIS A 219 15.32 12.88 15.41
CA HIS A 219 14.58 12.53 16.62
C HIS A 219 13.61 13.63 17.00
N VAL A 220 12.38 13.26 17.31
CA VAL A 220 11.45 14.19 17.94
C VAL A 220 11.65 14.11 19.45
N LEU A 221 11.73 15.28 20.09
CA LEU A 221 12.08 15.35 21.49
C LEU A 221 10.82 15.17 22.33
N ALA A 222 10.80 14.12 23.15
CA ALA A 222 9.65 13.81 23.99
C ALA A 222 10.14 12.98 25.15
N ASN A 223 9.45 13.09 26.29
CA ASN A 223 9.90 12.33 27.45
C ASN A 223 9.72 10.83 27.25
N SER A 224 8.77 10.42 26.42
CA SER A 224 8.53 9.01 26.23
C SER A 224 9.50 8.37 25.26
N GLY A 225 10.46 9.13 24.76
CA GLY A 225 11.37 8.59 23.75
C GLY A 225 12.08 7.35 24.27
N GLU A 226 12.20 6.35 23.39
CA GLU A 226 12.93 5.15 23.73
C GLU A 226 14.43 5.31 23.51
N ASP A 227 14.86 6.34 22.80
CA ASP A 227 16.27 6.55 22.55
C ASP A 227 16.81 7.62 23.50
N ASP A 228 18.07 7.44 23.89
CA ASP A 228 18.81 8.46 24.64
C ASP A 228 19.77 9.20 23.72
N ILE A 229 19.64 10.52 23.64
CA ILE A 229 20.39 11.33 22.69
C ILE A 229 21.14 12.42 23.44
N VAL A 230 22.41 12.59 23.09
CA VAL A 230 23.37 13.35 23.89
C VAL A 230 23.63 14.68 23.23
N PHE A 231 23.51 15.76 24.00
CA PHE A 231 23.80 17.10 23.52
C PHE A 231 24.83 17.75 24.42
N SER A 232 25.55 18.71 23.84
CA SER A 232 26.35 19.64 24.59
C SER A 232 25.50 20.86 24.95
N ASP A 233 25.69 21.39 26.15
CA ASP A 233 25.04 22.63 26.53
C ASP A 233 25.80 23.85 26.04
N SER A 234 26.60 23.72 24.98
CA SER A 234 27.51 24.78 24.56
C SER A 234 27.83 24.71 23.08
N SER A 235 27.59 23.56 22.46
CA SER A 235 27.89 23.43 21.04
C SER A 235 26.71 22.81 20.31
N ASP A 236 26.89 22.53 19.02
CA ASP A 236 25.87 21.85 18.24
C ASP A 236 25.94 20.34 18.40
N TYR A 237 26.86 19.83 19.24
CA TYR A 237 27.12 18.40 19.29
C TYR A 237 25.85 17.63 19.64
N ALA A 238 25.56 16.60 18.85
CA ALA A 238 24.34 15.83 19.02
C ALA A 238 24.53 14.41 18.48
N ALA A 239 24.44 13.42 19.37
CA ALA A 239 24.64 12.02 19.02
C ALA A 239 23.75 11.13 19.88
N ASN A 240 23.17 10.12 19.24
CA ASN A 240 22.65 8.96 19.94
C ASN A 240 23.69 8.47 20.94
N ILE A 241 23.22 8.07 22.12
CA ILE A 241 24.15 7.60 23.14
C ILE A 241 24.93 6.40 22.61
N GLU A 242 24.32 5.60 21.71
CA GLU A 242 25.05 4.53 21.04
C GLU A 242 26.31 5.05 20.38
N LYS A 243 26.30 6.30 19.92
CA LYS A 243 27.39 6.85 19.13
C LYS A 243 28.26 7.84 19.89
N ALA A 244 27.72 8.49 20.91
CA ALA A 244 28.41 9.55 21.63
C ALA A 244 29.79 9.11 22.10
N GLU A 245 30.81 9.85 21.67
CA GLU A 245 32.16 9.60 22.15
C GLU A 245 32.27 10.00 23.62
N ALA A 246 32.85 9.13 24.43
CA ALA A 246 33.12 9.42 25.83
C ALA A 246 34.62 9.67 26.00
N VAL A 247 34.95 10.81 26.59
CA VAL A 247 36.32 11.11 27.02
C VAL A 247 36.35 11.22 28.54
N PRO A 248 37.42 10.82 29.19
CA PRO A 248 37.43 10.86 30.66
C PRO A 248 37.44 12.29 31.17
N ARG A 249 36.86 12.47 32.36
CA ARG A 249 36.88 13.75 33.05
C ARG A 249 38.20 14.02 33.75
N GLU A 250 39.22 13.20 33.49
CA GLU A 250 40.51 13.29 34.13
C GLU A 250 41.56 13.61 33.08
N SER A 251 42.54 14.42 33.47
CA SER A 251 43.64 14.74 32.59
C SER A 251 44.82 13.79 32.73
N ALA A 252 44.94 13.08 33.86
CA ALA A 252 46.16 12.34 34.11
C ALA A 252 45.91 11.19 35.07
N ARG A 253 46.63 10.09 34.87
CA ARG A 253 46.60 8.99 35.82
C ARG A 253 47.30 9.36 37.11
N GLY A 254 46.73 8.95 38.24
CA GLY A 254 47.29 9.28 39.52
C GLY A 254 48.51 8.46 39.86
N SER A 255 49.32 9.00 40.75
CA SER A 255 50.50 8.29 41.24
C SER A 255 50.10 7.18 42.20
N ALA A 256 50.91 6.13 42.23
CA ALA A 256 50.64 4.98 43.08
C ALA A 256 50.88 5.36 44.54
N THR A 257 49.91 5.04 45.42
CA THR A 257 50.04 5.30 46.85
C THR A 257 49.66 4.09 47.69
N GLU A 258 49.49 2.93 47.07
CA GLU A 258 49.32 1.68 47.80
C GLU A 258 50.10 0.59 47.09
N ASP A 259 50.64 -0.34 47.85
CA ASP A 259 51.10 -1.60 47.26
C ASP A 259 49.90 -2.48 46.97
N MET A 260 50.03 -3.29 45.91
CA MET A 260 48.96 -4.22 45.56
C MET A 260 48.92 -5.35 46.56
N ARG A 261 47.73 -5.66 47.09
CA ARG A 261 47.53 -6.73 48.05
C ARG A 261 46.44 -7.69 47.55
N LEU A 262 46.50 -8.93 48.04
CA LEU A 262 45.45 -9.90 47.82
C LEU A 262 44.47 -9.87 49.00
N VAL A 263 43.19 -9.73 48.70
CA VAL A 263 42.14 -9.60 49.70
C VAL A 263 41.14 -10.73 49.49
N ASP A 264 40.59 -11.24 50.58
CA ASP A 264 39.54 -12.25 50.47
C ASP A 264 38.19 -11.54 50.39
N THR A 265 37.44 -11.82 49.32
CA THR A 265 36.13 -11.22 49.08
C THR A 265 35.06 -12.29 48.91
N PRO A 266 34.82 -13.11 49.93
CA PRO A 266 33.89 -14.25 49.76
C PRO A 266 32.47 -13.88 49.33
N ASN A 267 31.93 -12.77 49.80
CA ASN A 267 30.59 -12.42 49.38
C ASN A 267 30.58 -11.11 48.60
N THR A 268 31.64 -10.88 47.84
CA THR A 268 31.79 -9.65 47.07
C THR A 268 31.90 -10.03 45.61
N LYS A 269 30.82 -9.80 44.86
CA LYS A 269 30.74 -10.17 43.45
C LYS A 269 30.04 -9.11 42.60
N THR A 270 29.76 -7.94 43.17
CA THR A 270 29.12 -6.83 42.46
C THR A 270 29.84 -5.55 42.86
N ILE A 271 29.71 -4.53 42.00
CA ILE A 271 30.28 -3.23 42.34
C ILE A 271 29.80 -2.77 43.70
N ALA A 272 28.51 -2.94 43.97
CA ALA A 272 27.94 -2.40 45.20
C ALA A 272 28.51 -3.09 46.43
N ALA A 273 28.72 -4.42 46.34
CA ALA A 273 29.27 -5.13 47.48
C ALA A 273 30.72 -4.71 47.74
N LEU A 274 31.49 -4.51 46.68
CA LEU A 274 32.88 -4.09 46.82
C LEU A 274 32.99 -2.69 47.43
N VAL A 275 32.01 -1.83 47.17
CA VAL A 275 32.01 -0.46 47.69
C VAL A 275 31.48 -0.42 49.12
N ASP A 276 30.36 -1.12 49.37
CA ASP A 276 29.69 -1.11 50.66
C ASP A 276 30.21 -2.15 51.62
N GLY A 277 31.13 -3.01 51.18
CA GLY A 277 31.67 -4.03 52.06
C GLY A 277 33.13 -3.78 52.36
N PHE A 278 33.77 -2.91 51.58
CA PHE A 278 35.19 -2.64 51.77
C PHE A 278 35.50 -1.16 51.80
N GLN A 279 34.48 -0.30 51.87
CA GLN A 279 34.66 1.14 51.98
C GLN A 279 35.52 1.68 50.83
N LEU A 280 35.38 1.09 49.65
CA LEU A 280 36.09 1.59 48.47
C LEU A 280 35.21 2.56 47.70
N PRO A 281 35.75 3.68 47.23
CA PRO A 281 34.96 4.56 46.35
C PRO A 281 34.75 3.90 45.00
N ILE A 282 33.60 4.20 44.39
CA ILE A 282 33.22 3.48 43.18
C ILE A 282 34.19 3.74 42.04
N GLU A 283 34.87 4.89 42.05
CA GLU A 283 35.84 5.20 41.00
C GLU A 283 37.13 4.41 41.12
N LYS A 284 37.26 3.58 42.15
CA LYS A 284 38.40 2.68 42.32
C LYS A 284 38.03 1.24 41.99
N THR A 285 36.85 1.01 41.43
CA THR A 285 36.36 -0.31 41.10
C THR A 285 36.18 -0.44 39.59
N ILE A 286 36.08 -1.68 39.09
CA ILE A 286 35.92 -1.93 37.66
C ILE A 286 34.92 -3.05 37.40
N LYS A 287 34.35 -3.02 36.21
CA LYS A 287 33.52 -4.12 35.71
C LYS A 287 34.23 -4.77 34.55
N THR A 288 34.42 -6.09 34.63
CA THR A 288 35.02 -6.87 33.56
C THR A 288 33.93 -7.68 32.86
N LEU A 289 33.71 -7.37 31.59
CA LEU A 289 32.76 -8.06 30.73
C LEU A 289 33.53 -8.90 29.72
N VAL A 290 33.31 -10.21 29.76
CA VAL A 290 34.03 -11.14 28.90
C VAL A 290 33.12 -11.46 27.71
N VAL A 291 33.60 -11.16 26.50
CA VAL A 291 32.81 -11.30 25.29
C VAL A 291 33.55 -12.23 24.34
N HIS A 292 32.81 -12.73 23.34
CA HIS A 292 33.40 -13.55 22.30
C HIS A 292 34.26 -12.70 21.36
N GLY A 293 35.44 -13.20 21.03
CA GLY A 293 36.30 -12.51 20.10
C GLY A 293 35.96 -12.80 18.66
N ALA A 294 36.47 -11.96 17.76
CA ALA A 294 36.13 -12.13 16.36
C ALA A 294 36.82 -13.36 15.77
N GLU A 295 38.07 -13.61 16.18
CA GLU A 295 38.72 -14.88 15.87
C GLU A 295 37.95 -16.03 16.52
N GLU A 296 37.61 -17.02 15.72
CA GLU A 296 36.81 -18.15 16.18
C GLU A 296 37.41 -18.78 17.43
N GLY A 297 36.59 -18.90 18.47
CA GLY A 297 36.96 -19.64 19.67
C GLY A 297 37.71 -18.84 20.71
N THR A 298 37.94 -17.56 20.47
CA THR A 298 38.67 -16.69 21.38
C THR A 298 37.69 -15.88 22.23
N LEU A 299 38.23 -15.28 23.28
CA LEU A 299 37.51 -14.45 24.22
C LEU A 299 38.25 -13.12 24.41
N VAL A 300 37.49 -12.05 24.66
CA VAL A 300 38.05 -10.74 24.97
C VAL A 300 37.36 -10.19 26.20
N ALA A 301 38.14 -9.64 27.12
CA ALA A 301 37.61 -8.97 28.30
C ALA A 301 37.56 -7.48 28.06
N LEU A 302 36.45 -6.86 28.44
CA LEU A 302 36.22 -5.44 28.26
C LEU A 302 35.97 -4.81 29.63
N ILE A 303 36.78 -3.84 30.00
CA ILE A 303 36.73 -3.30 31.36
C ILE A 303 36.33 -1.83 31.30
N VAL A 304 35.28 -1.50 32.05
CA VAL A 304 34.89 -0.12 32.31
C VAL A 304 34.94 0.10 33.83
N ARG A 305 34.78 1.35 34.22
CA ARG A 305 34.81 1.69 35.63
C ARG A 305 33.46 1.35 36.26
N GLY A 306 33.48 1.16 37.59
CA GLY A 306 32.33 0.61 38.31
C GLY A 306 31.07 1.42 38.20
N ASP A 307 31.18 2.71 37.88
CA ASP A 307 30.06 3.64 37.75
C ASP A 307 29.57 3.77 36.33
N HIS A 308 30.22 3.10 35.37
CA HIS A 308 29.90 3.20 33.96
C HIS A 308 29.28 1.90 33.48
N GLU A 309 28.58 1.95 32.35
CA GLU A 309 28.14 0.75 31.66
C GLU A 309 28.99 0.52 30.42
N LEU A 310 28.96 -0.71 29.92
CA LEU A 310 29.54 -1.00 28.63
C LEU A 310 28.59 -0.56 27.51
N ASN A 311 29.13 0.18 26.55
CA ASN A 311 28.42 0.50 25.32
C ASN A 311 28.60 -0.65 24.34
N GLU A 312 27.51 -1.35 24.03
CA GLU A 312 27.63 -2.57 23.24
C GLU A 312 27.89 -2.28 21.77
N ILE A 313 27.40 -1.15 21.26
CA ILE A 313 27.77 -0.74 19.91
C ILE A 313 29.26 -0.48 19.83
N LYS A 314 29.82 0.27 20.80
CA LYS A 314 31.27 0.50 20.82
C LYS A 314 32.04 -0.80 20.99
N ALA A 315 31.57 -1.70 21.86
CA ALA A 315 32.29 -2.95 22.07
C ALA A 315 32.38 -3.75 20.79
N ALA A 316 31.25 -3.91 20.10
CA ALA A 316 31.23 -4.72 18.89
C ALA A 316 32.09 -4.11 17.79
N ASN A 317 32.16 -2.77 17.71
CA ASN A 317 33.01 -2.10 16.73
C ASN A 317 34.50 -2.37 16.96
N GLN A 318 34.90 -2.92 18.12
CA GLN A 318 36.30 -3.25 18.32
C GLN A 318 36.71 -4.39 17.39
N PRO A 319 37.88 -4.28 16.74
CA PRO A 319 38.29 -5.35 15.82
C PRO A 319 38.46 -6.72 16.48
N LEU A 320 38.96 -6.78 17.71
CA LEU A 320 39.10 -8.07 18.38
C LEU A 320 37.77 -8.70 18.74
N VAL A 321 36.70 -7.90 18.81
CA VAL A 321 35.44 -8.32 19.38
C VAL A 321 34.51 -8.74 18.26
N ALA A 322 33.79 -9.84 18.45
CA ALA A 322 32.86 -10.30 17.44
C ALA A 322 31.65 -9.39 17.36
N SER A 323 31.20 -9.12 16.13
CA SER A 323 29.95 -8.42 15.88
C SER A 323 28.98 -9.34 15.17
N PRO A 324 27.71 -9.43 15.63
CA PRO A 324 27.21 -8.71 16.80
C PRO A 324 27.73 -9.28 18.14
N LEU A 325 27.64 -8.47 19.19
CA LEU A 325 28.25 -8.79 20.46
C LEU A 325 27.61 -10.02 21.10
N VAL A 326 28.45 -10.97 21.56
CA VAL A 326 27.99 -12.14 22.30
C VAL A 326 28.74 -12.22 23.62
N PHE A 327 28.01 -12.28 24.73
CA PHE A 327 28.66 -12.39 26.03
C PHE A 327 29.01 -13.85 26.33
N ALA A 328 30.18 -14.05 26.93
CA ALA A 328 30.63 -15.39 27.26
C ALA A 328 29.78 -16.00 28.37
N SER A 329 29.60 -17.32 28.29
CA SER A 329 28.87 -17.99 29.34
C SER A 329 29.72 -18.07 30.61
N GLU A 330 29.08 -18.45 31.71
CA GLU A 330 29.86 -18.67 32.94
C GLU A 330 30.81 -19.86 32.78
N ALA A 331 30.35 -20.93 32.11
CA ALA A 331 31.23 -22.07 31.88
C ALA A 331 32.43 -21.67 31.02
N GLU A 332 32.22 -20.81 30.02
CA GLU A 332 33.31 -20.39 29.15
C GLU A 332 34.32 -19.53 29.90
N ILE A 333 33.83 -18.57 30.70
CA ILE A 333 34.69 -17.78 31.55
C ILE A 333 35.55 -18.66 32.45
N ARG A 334 34.92 -19.61 33.15
CA ARG A 334 35.66 -20.40 34.14
C ARG A 334 36.74 -21.23 33.47
N ALA A 335 36.42 -21.88 32.35
CA ALA A 335 37.42 -22.69 31.67
C ALA A 335 38.58 -21.83 31.19
N ALA A 336 38.30 -20.63 30.71
CA ALA A 336 39.36 -19.77 30.18
C ALA A 336 40.25 -19.23 31.29
N ILE A 337 39.64 -18.70 32.35
CA ILE A 337 40.36 -17.87 33.31
C ILE A 337 40.69 -18.63 34.59
N GLY A 338 39.83 -19.58 34.96
CA GLY A 338 39.99 -20.30 36.20
C GLY A 338 39.20 -19.75 37.37
N ALA A 339 38.35 -18.75 37.14
CA ALA A 339 37.55 -18.15 38.18
C ALA A 339 36.31 -17.58 37.51
N GLY A 340 35.29 -17.31 38.32
CA GLY A 340 33.99 -16.98 37.79
C GLY A 340 33.67 -15.50 37.84
N PRO A 341 32.53 -15.16 37.24
CA PRO A 341 31.96 -13.81 37.42
C PRO A 341 32.02 -13.37 38.87
N GLY A 342 32.44 -12.12 39.08
CA GLY A 342 32.61 -11.57 40.41
C GLY A 342 33.99 -11.75 41.00
N SER A 343 34.87 -12.48 40.32
CA SER A 343 36.25 -12.61 40.77
C SER A 343 37.23 -12.34 39.63
N LEU A 344 36.80 -11.59 38.61
CA LEU A 344 37.55 -11.35 37.40
C LEU A 344 38.24 -9.99 37.43
N GLY A 345 39.39 -9.91 36.75
CA GLY A 345 40.10 -8.66 36.59
C GLY A 345 41.24 -8.76 35.60
N PRO A 346 41.97 -7.65 35.43
CA PRO A 346 43.03 -7.63 34.41
C PRO A 346 44.35 -8.25 34.83
N VAL A 347 44.57 -8.47 36.13
CA VAL A 347 45.82 -9.03 36.63
C VAL A 347 45.80 -10.54 36.44
N ASN A 348 46.83 -11.06 35.76
CA ASN A 348 46.95 -12.50 35.47
C ASN A 348 45.79 -12.98 34.62
N LEU A 349 45.45 -12.20 33.61
CA LEU A 349 44.31 -12.50 32.76
C LEU A 349 44.80 -13.23 31.52
N PRO A 350 44.52 -14.50 31.38
CA PRO A 350 45.06 -15.25 30.23
C PRO A 350 44.33 -15.02 28.91
N ILE A 351 43.52 -13.96 28.80
CA ILE A 351 42.87 -13.64 27.53
C ILE A 351 43.13 -12.18 27.21
N ALA A 352 42.86 -11.82 25.96
CA ALA A 352 43.05 -10.44 25.53
C ALA A 352 42.09 -9.51 26.26
N CYS A 353 42.54 -8.28 26.47
CA CYS A 353 41.82 -7.32 27.29
C CYS A 353 41.82 -5.95 26.60
N ILE A 354 40.70 -5.22 26.75
CA ILE A 354 40.56 -3.84 26.31
C ILE A 354 39.94 -3.05 27.45
N VAL A 355 40.60 -1.98 27.87
CA VAL A 355 40.10 -1.16 28.97
C VAL A 355 39.56 0.15 28.41
N ASP A 356 38.54 0.69 29.08
CA ASP A 356 38.00 1.99 28.68
C ASP A 356 39.00 3.09 28.98
N ARG A 357 38.88 4.20 28.24
CA ARG A 357 39.79 5.34 28.42
C ARG A 357 39.88 5.76 29.87
N SER A 358 38.74 5.80 30.58
CA SER A 358 38.76 6.19 31.97
C SER A 358 39.48 5.17 32.84
N VAL A 359 39.28 3.87 32.58
CA VAL A 359 39.97 2.84 33.34
C VAL A 359 41.48 3.05 33.29
N ALA A 360 42.00 3.51 32.15
CA ALA A 360 43.44 3.68 32.00
C ALA A 360 44.01 4.71 32.96
N LEU A 361 43.19 5.69 33.38
CA LEU A 361 43.66 6.74 34.28
C LEU A 361 43.52 6.39 35.75
N MET A 362 43.01 5.21 36.08
CA MET A 362 42.76 4.83 37.46
C MET A 362 44.06 4.50 38.19
N SER A 363 44.01 4.63 39.52
CA SER A 363 45.12 4.25 40.38
C SER A 363 44.58 3.64 41.67
N ASP A 364 45.39 2.78 42.29
CA ASP A 364 45.07 2.21 43.61
C ASP A 364 43.71 1.51 43.61
N PHE A 365 43.44 0.72 42.58
CA PHE A 365 42.08 0.30 42.33
C PHE A 365 41.87 -1.19 42.58
N ALA A 366 40.62 -1.57 42.81
CA ALA A 366 40.23 -2.94 43.13
C ALA A 366 39.75 -3.70 41.89
N ALA A 367 40.23 -4.94 41.74
CA ALA A 367 39.75 -5.83 40.69
C ALA A 367 39.66 -7.23 41.25
N GLY A 368 38.75 -8.03 40.69
CA GLY A 368 38.78 -9.46 40.97
C GLY A 368 40.12 -10.04 40.55
N ALA A 369 40.62 -11.00 41.32
CA ALA A 369 41.98 -11.46 41.10
C ALA A 369 42.08 -12.60 40.07
N ASN A 370 40.97 -13.02 39.46
CA ASN A 370 40.94 -14.26 38.67
C ASN A 370 41.26 -15.47 39.55
N ILE A 371 40.88 -15.35 40.81
CA ILE A 371 40.94 -16.40 41.82
C ILE A 371 39.65 -16.33 42.62
N GLU A 372 38.89 -17.42 42.67
CA GLU A 372 37.54 -17.35 43.22
C GLU A 372 37.53 -16.74 44.61
N ASP A 373 36.67 -15.75 44.80
CA ASP A 373 36.44 -15.11 46.09
C ASP A 373 37.67 -14.32 46.56
N LYS A 374 38.35 -13.67 45.62
CA LYS A 374 39.49 -12.83 45.93
C LYS A 374 39.52 -11.61 45.02
N HIS A 375 40.00 -10.50 45.58
CA HIS A 375 40.26 -9.29 44.82
C HIS A 375 41.70 -8.84 45.07
N TYR A 376 42.29 -8.18 44.08
CA TYR A 376 43.44 -7.34 44.33
C TYR A 376 42.95 -5.95 44.67
N PHE A 377 43.54 -5.37 45.71
CA PHE A 377 43.39 -3.95 46.03
C PHE A 377 44.69 -3.26 45.68
N GLY A 378 44.61 -1.94 45.53
CA GLY A 378 45.82 -1.16 45.28
C GLY A 378 46.53 -1.52 43.98
N VAL A 379 45.79 -1.93 42.95
CA VAL A 379 46.40 -2.17 41.66
C VAL A 379 46.79 -0.84 41.03
N ASN A 380 47.92 -0.84 40.33
CA ASN A 380 48.41 0.33 39.61
C ASN A 380 49.01 -0.09 38.28
N TRP A 381 48.58 0.55 37.19
CA TRP A 381 49.07 0.22 35.86
C TRP A 381 50.58 0.48 35.75
N GLU A 382 51.21 -0.19 34.77
CA GLU A 382 52.65 -0.18 34.53
C GLU A 382 53.40 -0.90 35.66
N ARG A 383 53.09 -0.58 36.92
CA ARG A 383 53.81 -1.16 38.05
C ARG A 383 53.45 -2.62 38.27
N ASP A 384 52.16 -2.92 38.49
CA ASP A 384 51.70 -4.27 38.80
C ASP A 384 51.42 -5.11 37.56
N LEU A 385 50.98 -4.49 36.47
CA LEU A 385 50.72 -5.20 35.23
C LEU A 385 50.80 -4.18 34.10
N PRO A 386 51.09 -4.63 32.88
CA PRO A 386 51.11 -3.70 31.75
C PRO A 386 49.70 -3.21 31.43
N LEU A 387 49.64 -2.00 30.89
CA LEU A 387 48.34 -1.48 30.50
C LEU A 387 47.91 -2.11 29.19
N PRO A 388 46.66 -2.58 29.08
CA PRO A 388 46.21 -3.16 27.82
C PRO A 388 45.97 -2.11 26.74
N GLU A 389 45.30 -2.52 25.69
CA GLU A 389 44.80 -1.57 24.71
C GLU A 389 43.72 -0.70 25.34
N VAL A 390 43.69 0.55 24.93
CA VAL A 390 42.69 1.51 25.40
C VAL A 390 41.71 1.76 24.28
N ALA A 391 40.43 1.81 24.62
CA ALA A 391 39.40 2.18 23.66
C ALA A 391 38.32 3.00 24.36
N ASP A 392 37.45 3.58 23.54
CA ASP A 392 36.23 4.19 24.03
C ASP A 392 35.17 3.08 24.10
N LEU A 393 34.88 2.63 25.31
CA LEU A 393 34.03 1.48 25.55
C LEU A 393 32.75 1.80 26.32
N ARG A 394 32.64 2.97 26.93
CA ARG A 394 31.55 3.24 27.86
C ARG A 394 30.51 4.16 27.23
N ASN A 395 29.28 4.03 27.73
CA ASN A 395 28.28 5.08 27.51
C ASN A 395 28.69 6.33 28.25
N VAL A 396 28.48 7.49 27.61
CA VAL A 396 28.64 8.75 28.34
C VAL A 396 27.56 8.84 29.42
N VAL A 397 27.80 9.71 30.38
CA VAL A 397 26.85 9.95 31.47
C VAL A 397 26.68 11.45 31.61
N GLU A 398 25.54 11.87 32.15
CA GLU A 398 25.24 13.29 32.26
C GLU A 398 26.40 14.02 32.91
N GLY A 399 26.76 15.17 32.34
CA GLY A 399 27.85 15.97 32.83
C GLY A 399 29.22 15.61 32.29
N ASP A 400 29.31 14.66 31.37
CA ASP A 400 30.60 14.32 30.81
C ASP A 400 31.10 15.45 29.92
N PRO A 401 32.41 15.53 29.68
CA PRO A 401 32.93 16.56 28.77
C PRO A 401 32.45 16.32 27.35
N SER A 402 32.10 17.40 26.65
CA SER A 402 31.65 17.28 25.27
C SER A 402 32.84 16.99 24.36
N PRO A 403 32.80 15.92 23.57
CA PRO A 403 34.02 15.45 22.88
C PRO A 403 34.55 16.41 21.82
N ASP A 404 33.80 17.44 21.45
CA ASP A 404 34.36 18.52 20.63
C ASP A 404 34.99 19.60 21.49
N GLY A 405 35.09 19.39 22.80
CA GLY A 405 35.75 20.35 23.65
C GLY A 405 34.95 21.59 23.96
N LYS A 406 33.67 21.63 23.62
CA LYS A 406 32.83 22.81 23.91
C LYS A 406 31.69 22.39 24.84
N GLY A 407 31.91 22.51 26.15
CA GLY A 407 30.89 22.29 27.16
C GLY A 407 30.93 20.91 27.79
N THR A 408 29.84 20.59 28.49
CA THR A 408 29.58 19.26 29.04
C THR A 408 28.26 18.73 28.47
N LEU A 409 27.98 17.45 28.73
CA LEU A 409 26.96 16.71 27.99
C LEU A 409 25.68 16.53 28.79
N VAL A 410 24.55 16.66 28.11
CA VAL A 410 23.24 16.36 28.68
C VAL A 410 22.56 15.29 27.82
N ILE A 411 21.83 14.39 28.47
CA ILE A 411 21.13 13.29 27.82
C ILE A 411 19.63 13.57 27.87
N LYS A 412 18.96 13.50 26.72
CA LYS A 412 17.52 13.69 26.62
C LYS A 412 16.93 12.52 25.85
N ARG A 413 15.60 12.36 25.92
CA ARG A 413 14.93 11.20 25.35
C ARG A 413 14.31 11.56 24.01
N GLY A 414 14.44 10.68 23.03
CA GLY A 414 14.03 11.00 21.67
C GLY A 414 13.27 9.88 21.01
N ILE A 415 12.33 10.27 20.13
CA ILE A 415 11.61 9.38 19.22
C ILE A 415 12.24 9.47 17.84
N GLU A 416 12.82 8.38 17.37
CA GLU A 416 13.45 8.37 16.06
C GLU A 416 12.37 8.39 14.97
N VAL A 417 12.32 9.48 14.21
CA VAL A 417 11.40 9.61 13.08
C VAL A 417 12.08 9.51 11.73
N GLY A 418 13.40 9.59 11.66
CA GLY A 418 14.09 9.54 10.39
C GLY A 418 15.50 9.05 10.56
N HIS A 419 16.01 8.37 9.53
CA HIS A 419 17.36 7.83 9.51
C HIS A 419 17.93 7.99 8.11
N ILE A 420 19.19 8.40 8.03
CA ILE A 420 19.93 8.39 6.78
C ILE A 420 21.24 7.65 7.00
N PHE A 421 21.67 6.89 5.99
CA PHE A 421 22.76 5.93 6.19
C PHE A 421 23.51 5.71 4.89
N GLN A 422 24.83 5.78 4.97
CA GLN A 422 25.72 5.49 3.85
C GLN A 422 26.01 4.00 3.85
N LEU A 423 25.41 3.28 2.92
CA LEU A 423 25.49 1.84 2.91
C LEU A 423 26.68 1.28 2.15
N GLY A 424 27.26 2.05 1.22
CA GLY A 424 28.42 1.56 0.52
C GLY A 424 28.02 0.50 -0.49
N THR A 425 28.85 -0.54 -0.58
CA THR A 425 28.67 -1.56 -1.61
C THR A 425 28.18 -2.88 -1.02
N LYS A 426 27.53 -2.85 0.14
CA LYS A 426 27.10 -4.11 0.76
C LYS A 426 26.21 -4.91 -0.18
N TYR A 427 25.19 -4.27 -0.75
CA TYR A 427 24.27 -5.00 -1.63
C TYR A 427 24.79 -5.08 -3.06
N SER A 428 25.46 -4.03 -3.53
CA SER A 428 25.91 -4.04 -4.93
C SER A 428 26.98 -5.11 -5.14
N GLU A 429 27.76 -5.40 -4.10
CA GLU A 429 28.79 -6.43 -4.17
C GLU A 429 28.19 -7.83 -4.11
N ALA A 430 27.06 -8.00 -3.42
CA ALA A 430 26.48 -9.33 -3.25
C ALA A 430 25.58 -9.71 -4.39
N MET A 431 24.80 -8.75 -4.91
CA MET A 431 23.93 -9.00 -6.04
C MET A 431 24.57 -8.54 -7.35
N LYS A 432 25.86 -8.27 -7.33
CA LYS A 432 26.65 -7.94 -8.52
C LYS A 432 25.99 -6.80 -9.31
N LEU A 433 25.89 -5.64 -8.66
CA LEU A 433 25.36 -4.40 -9.25
C LEU A 433 26.56 -3.51 -9.58
N SER A 434 26.93 -3.47 -10.86
CA SER A 434 28.16 -2.81 -11.28
C SER A 434 27.88 -1.98 -12.52
N VAL A 435 28.58 -0.85 -12.65
CA VAL A 435 28.45 0.02 -13.82
C VAL A 435 29.84 0.50 -14.23
N LEU A 436 30.06 0.63 -15.53
CA LEU A 436 31.36 1.10 -16.02
C LEU A 436 31.49 2.60 -15.86
N SER A 437 32.57 3.02 -15.21
CA SER A 437 32.90 4.43 -15.12
C SER A 437 33.20 4.99 -16.52
N GLU A 438 33.24 6.33 -16.59
CA GLU A 438 33.54 7.02 -17.83
C GLU A 438 34.87 6.57 -18.45
N GLN A 439 35.81 6.09 -17.65
CA GLN A 439 37.06 5.56 -18.18
C GLN A 439 37.03 4.07 -18.40
N GLY A 440 35.88 3.43 -18.18
CA GLY A 440 35.73 2.03 -18.51
C GLY A 440 36.04 1.08 -17.39
N LYS A 441 36.31 1.57 -16.17
CA LYS A 441 36.55 0.67 -15.06
C LYS A 441 35.21 0.22 -14.47
N PRO A 442 35.02 -1.06 -14.24
CA PRO A 442 33.82 -1.49 -13.51
C PRO A 442 33.86 -1.00 -12.08
N VAL A 443 32.67 -0.69 -11.55
CA VAL A 443 32.51 -0.04 -10.26
C VAL A 443 31.27 -0.61 -9.58
N ASN A 444 31.44 -1.15 -8.38
CA ASN A 444 30.27 -1.51 -7.60
C ASN A 444 29.60 -0.24 -7.13
N LEU A 445 28.30 -0.14 -7.38
CA LEU A 445 27.59 1.09 -7.04
C LEU A 445 27.58 1.30 -5.53
N ILE A 446 27.86 2.52 -5.13
CA ILE A 446 27.80 2.90 -3.72
C ILE A 446 26.41 3.43 -3.41
N MET A 447 25.80 2.91 -2.34
CA MET A 447 24.40 3.18 -2.05
C MET A 447 24.26 3.89 -0.72
N GLY A 448 23.32 4.84 -0.67
CA GLY A 448 22.81 5.36 0.58
C GLY A 448 21.34 5.03 0.69
N CYS A 449 20.86 4.89 1.93
CA CYS A 449 19.47 4.59 2.22
CA CYS A 449 19.45 4.64 2.17
C CYS A 449 18.93 5.61 3.20
N TYR A 450 17.68 6.04 3.01
CA TYR A 450 17.05 7.10 3.79
C TYR A 450 15.60 6.74 4.07
N GLY A 451 15.22 6.71 5.34
CA GLY A 451 13.86 6.33 5.73
C GLY A 451 13.24 7.24 6.76
N ILE A 452 11.96 7.56 6.54
CA ILE A 452 11.14 8.31 7.48
C ILE A 452 9.96 7.44 7.89
N GLY A 453 9.81 7.23 9.19
CA GLY A 453 8.64 6.54 9.69
C GLY A 453 7.41 7.42 9.60
N VAL A 454 6.67 7.31 8.49
CA VAL A 454 5.55 8.21 8.24
C VAL A 454 4.44 7.96 9.27
N SER A 455 4.09 6.69 9.49
CA SER A 455 3.14 6.34 10.55
C SER A 455 3.59 6.89 11.89
N ARG A 456 4.85 6.61 12.24
CA ARG A 456 5.36 6.97 13.54
C ARG A 456 5.33 8.48 13.76
N VAL A 457 5.61 9.26 12.71
CA VAL A 457 5.60 10.72 12.81
C VAL A 457 4.27 11.23 13.36
N VAL A 458 3.14 10.63 12.94
CA VAL A 458 1.84 11.06 13.46
C VAL A 458 1.82 10.96 14.98
N ALA A 459 2.21 9.79 15.51
CA ALA A 459 2.20 9.59 16.95
C ALA A 459 3.25 10.45 17.65
N ALA A 460 4.43 10.57 17.05
CA ALA A 460 5.48 11.38 17.69
C ALA A 460 5.02 12.83 17.87
N ALA A 461 4.22 13.34 16.94
CA ALA A 461 3.68 14.68 17.07
C ALA A 461 2.82 14.81 18.33
N ILE A 462 1.99 13.81 18.63
CA ILE A 462 1.13 13.91 19.81
C ILE A 462 1.95 13.70 21.07
N GLU A 463 2.91 12.76 21.02
CA GLU A 463 3.84 12.59 22.14
C GLU A 463 4.44 13.91 22.61
N GLN A 464 4.63 14.88 21.70
CA GLN A 464 5.21 16.16 22.09
C GLN A 464 4.20 17.32 22.16
N ASN A 465 3.01 17.18 21.57
CA ASN A 465 1.99 18.23 21.60
C ASN A 465 0.68 17.64 22.11
N HIS A 466 0.31 17.97 23.35
CA HIS A 466 -0.99 17.58 23.88
C HIS A 466 -1.17 18.26 25.22
N ASP A 467 -2.42 18.32 25.66
CA ASP A 467 -2.75 18.99 26.92
C ASP A 467 -3.94 18.27 27.56
N GLU A 468 -4.42 18.84 28.66
CA GLU A 468 -5.49 18.22 29.44
C GLU A 468 -6.71 17.91 28.59
N ARG A 469 -6.96 18.70 27.55
CA ARG A 469 -8.19 18.62 26.78
C ARG A 469 -8.07 17.73 25.55
N GLY A 470 -6.91 17.18 25.28
CA GLY A 470 -6.77 16.31 24.13
C GLY A 470 -5.60 16.66 23.25
N ILE A 471 -5.77 16.43 21.93
CA ILE A 471 -4.66 16.53 20.99
C ILE A 471 -4.36 17.99 20.67
N LEU A 472 -3.07 18.33 20.58
CA LEU A 472 -2.61 19.54 19.92
C LEU A 472 -1.86 19.16 18.65
N TRP A 473 -2.23 19.78 17.55
CA TRP A 473 -1.61 19.52 16.27
C TRP A 473 -0.77 20.71 15.85
N PRO A 474 0.41 20.48 15.30
CA PRO A 474 1.06 21.53 14.51
C PRO A 474 0.17 21.88 13.32
N SER A 475 0.27 23.14 12.88
CA SER A 475 -0.69 23.67 11.92
C SER A 475 -0.80 22.79 10.67
N ALA A 476 0.31 22.22 10.21
CA ALA A 476 0.27 21.42 8.99
C ALA A 476 -0.47 20.09 9.16
N LEU A 477 -0.64 19.61 10.39
CA LEU A 477 -1.21 18.28 10.61
C LEU A 477 -2.67 18.30 11.08
N ALA A 478 -3.23 19.44 11.45
CA ALA A 478 -4.61 19.49 11.93
C ALA A 478 -5.55 18.90 10.89
N PRO A 479 -6.43 17.97 11.27
CA PRO A 479 -7.34 17.35 10.28
C PRO A 479 -8.32 18.35 9.65
N PHE A 480 -8.84 19.27 10.46
CA PHE A 480 -9.59 20.40 9.95
C PHE A 480 -9.07 21.63 10.65
N GLN A 481 -9.25 22.78 10.02
CA GLN A 481 -8.80 24.03 10.59
C GLN A 481 -9.86 24.69 11.44
N ILE A 482 -11.14 24.51 11.08
CA ILE A 482 -12.24 25.18 11.75
C ILE A 482 -13.36 24.17 12.01
N ALA A 483 -13.87 24.17 13.22
CA ALA A 483 -15.08 23.44 13.58
C ALA A 483 -16.24 24.40 13.72
N LEU A 484 -17.32 24.17 12.96
CA LEU A 484 -18.55 24.94 13.09
C LEU A 484 -19.47 24.18 14.04
N VAL A 485 -19.69 24.76 15.22
CA VAL A 485 -20.61 24.15 16.17
C VAL A 485 -21.87 25.01 16.24
N PRO A 486 -22.90 24.68 15.48
CA PRO A 486 -24.16 25.41 15.63
C PRO A 486 -24.89 24.91 16.86
N LEU A 487 -25.10 25.81 17.83
CA LEU A 487 -26.01 25.52 18.92
C LEU A 487 -27.43 25.60 18.38
N LYS A 488 -28.26 24.62 18.74
CA LYS A 488 -29.63 24.48 18.23
C LYS A 488 -29.64 24.56 16.69
N TYR A 489 -28.95 23.58 16.07
CA TYR A 489 -28.89 23.51 14.63
C TYR A 489 -30.23 23.16 14.01
N GLU A 490 -31.16 22.59 14.79
CA GLU A 490 -32.49 22.26 14.28
C GLU A 490 -33.32 23.51 14.00
N THR A 491 -33.02 24.63 14.66
CA THR A 491 -33.62 25.91 14.31
C THR A 491 -33.17 26.32 12.91
N GLU A 492 -34.13 26.64 12.04
CA GLU A 492 -33.82 26.93 10.64
C GLU A 492 -33.12 28.28 10.44
N SER A 493 -33.08 29.12 11.48
CA SER A 493 -32.34 30.37 11.41
C SER A 493 -30.84 30.15 11.61
N VAL A 494 -30.48 29.31 12.59
CA VAL A 494 -29.08 28.96 12.78
C VAL A 494 -28.61 28.02 11.67
N LYS A 495 -29.47 27.09 11.25
CA LYS A 495 -29.11 26.13 10.20
C LYS A 495 -28.88 26.79 8.85
N GLN A 496 -29.38 28.00 8.66
CA GLN A 496 -29.10 28.71 7.40
C GLN A 496 -27.79 29.48 7.51
N ALA A 497 -27.59 30.21 8.61
CA ALA A 497 -26.38 31.00 8.78
C ALA A 497 -25.14 30.14 8.80
N THR A 498 -25.25 28.92 9.31
CA THR A 498 -24.10 28.04 9.43
C THR A 498 -23.72 27.45 8.08
N ASP A 499 -24.70 26.97 7.32
CA ASP A 499 -24.44 26.52 5.96
C ASP A 499 -23.87 27.65 5.12
N LYS A 500 -24.47 28.85 5.23
CA LYS A 500 -23.90 30.02 4.58
C LYS A 500 -22.43 30.17 4.99
N LEU A 501 -22.15 30.01 6.28
CA LEU A 501 -20.78 30.16 6.73
C LEU A 501 -19.91 29.01 6.24
N TYR A 502 -20.44 27.79 6.21
CA TYR A 502 -19.64 26.65 5.76
C TYR A 502 -19.15 26.86 4.34
N ALA A 503 -20.06 27.30 3.46
CA ALA A 503 -19.69 27.57 2.07
C ALA A 503 -18.64 28.66 1.99
N GLU A 504 -18.85 29.77 2.71
CA GLU A 504 -17.92 30.89 2.63
C GLU A 504 -16.51 30.46 3.03
N LEU A 505 -16.40 29.64 4.07
CA LEU A 505 -15.09 29.21 4.55
C LEU A 505 -14.48 28.15 3.64
N THR A 506 -15.31 27.19 3.20
CA THR A 506 -14.78 26.19 2.27
C THR A 506 -14.39 26.83 0.94
N ALA A 507 -15.20 27.77 0.45
CA ALA A 507 -14.81 28.52 -0.74
C ALA A 507 -13.47 29.22 -0.54
N ALA A 508 -13.24 29.79 0.65
CA ALA A 508 -11.99 30.45 0.97
C ALA A 508 -10.81 29.49 1.06
N GLY A 509 -11.04 28.19 0.92
CA GLY A 509 -9.98 27.21 1.00
C GLY A 509 -9.63 26.73 2.40
N PHE A 510 -10.53 26.86 3.37
CA PHE A 510 -10.29 26.35 4.70
C PHE A 510 -11.01 25.01 4.88
N GLU A 511 -10.33 24.07 5.52
CA GLU A 511 -10.93 22.77 5.81
C GLU A 511 -11.81 22.87 7.05
N VAL A 512 -13.11 22.63 6.86
CA VAL A 512 -14.09 22.96 7.87
C VAL A 512 -14.89 21.71 8.20
N LEU A 513 -15.04 21.44 9.48
CA LEU A 513 -15.84 20.33 9.99
C LEU A 513 -17.09 20.94 10.63
N LEU A 514 -18.24 20.76 9.98
CA LEU A 514 -19.52 21.20 10.53
C LEU A 514 -20.01 20.15 11.50
N ASP A 515 -20.33 20.57 12.73
CA ASP A 515 -20.84 19.61 13.71
C ASP A 515 -22.36 19.63 13.63
N ASP A 516 -22.89 18.73 12.80
CA ASP A 516 -24.31 18.61 12.51
C ASP A 516 -25.08 17.82 13.55
N ARG A 517 -24.44 17.43 14.65
CA ARG A 517 -25.14 16.65 15.66
C ARG A 517 -26.25 17.47 16.32
N ASP A 518 -27.20 16.75 16.89
CA ASP A 518 -28.51 17.25 17.27
C ASP A 518 -28.56 17.68 18.73
N LYS A 519 -29.79 17.97 19.21
CA LYS A 519 -30.02 18.31 20.61
C LYS A 519 -29.63 17.18 21.56
N LYS A 520 -29.38 15.97 21.06
CA LYS A 520 -28.92 14.88 21.93
C LYS A 520 -27.58 15.24 22.57
N THR A 521 -26.52 15.28 21.77
CA THR A 521 -25.20 15.61 22.29
C THR A 521 -25.15 17.09 22.68
N SER A 522 -24.86 17.37 23.95
CA SER A 522 -24.90 18.73 24.44
C SER A 522 -23.81 19.58 23.80
N PRO A 523 -24.02 20.89 23.70
CA PRO A 523 -22.92 21.82 23.40
C PRO A 523 -21.62 21.51 24.11
N GLY A 524 -21.67 21.25 25.42
CA GLY A 524 -20.44 21.02 26.16
C GLY A 524 -19.69 19.81 25.66
N VAL A 525 -20.43 18.75 25.29
CA VAL A 525 -19.85 17.57 24.68
C VAL A 525 -19.26 17.91 23.31
N LYS A 526 -20.02 18.64 22.49
CA LYS A 526 -19.53 19.03 21.17
C LYS A 526 -18.21 19.77 21.28
N PHE A 527 -18.11 20.71 22.22
CA PHE A 527 -16.88 21.46 22.41
C PHE A 527 -15.72 20.55 22.78
N ALA A 528 -15.94 19.65 23.75
CA ALA A 528 -14.87 18.76 24.21
C ALA A 528 -14.39 17.84 23.10
N ASP A 529 -15.30 17.41 22.21
CA ASP A 529 -14.92 16.55 21.11
C ASP A 529 -14.03 17.28 20.10
N MET A 530 -14.40 18.51 19.74
CA MET A 530 -13.57 19.29 18.83
C MET A 530 -12.20 19.58 19.41
N GLU A 531 -12.12 19.73 20.73
CA GLU A 531 -10.83 19.93 21.38
C GLU A 531 -10.03 18.64 21.50
N LEU A 532 -10.72 17.50 21.67
CA LEU A 532 -10.02 16.23 21.75
C LEU A 532 -9.29 15.93 20.44
N ILE A 533 -10.00 16.02 19.32
CA ILE A 533 -9.42 15.75 18.00
C ILE A 533 -8.53 16.87 17.52
N GLY A 534 -8.38 17.93 18.32
CA GLY A 534 -7.32 18.90 18.09
C GLY A 534 -7.56 19.93 17.03
N ILE A 535 -8.82 20.24 16.74
CA ILE A 535 -9.09 21.27 15.73
C ILE A 535 -8.68 22.63 16.28
N PRO A 536 -7.87 23.39 15.54
CA PRO A 536 -7.30 24.63 16.10
C PRO A 536 -8.34 25.70 16.46
N HIS A 537 -9.39 25.88 15.66
CA HIS A 537 -10.27 27.03 15.81
C HIS A 537 -11.73 26.61 15.74
N ARG A 538 -12.54 27.22 16.59
CA ARG A 538 -13.96 26.89 16.71
C ARG A 538 -14.79 28.17 16.57
N ILE A 539 -15.92 28.06 15.87
CA ILE A 539 -16.93 29.11 15.79
C ILE A 539 -18.27 28.52 16.21
N VAL A 540 -18.97 29.19 17.11
CA VAL A 540 -20.30 28.80 17.56
C VAL A 540 -21.30 29.76 16.96
N ILE A 541 -22.33 29.22 16.33
CA ILE A 541 -23.43 30.00 15.75
C ILE A 541 -24.67 29.76 16.60
N SER A 542 -25.31 30.85 17.05
CA SER A 542 -26.43 30.76 17.97
C SER A 542 -27.48 31.80 17.60
N ASP A 543 -28.75 31.48 17.90
CA ASP A 543 -29.79 32.48 17.77
C ASP A 543 -29.55 33.65 18.72
N ARG A 544 -28.82 33.41 19.82
CA ARG A 544 -28.45 34.48 20.75
C ARG A 544 -27.64 35.55 20.01
N GLY A 545 -26.43 35.20 19.56
CA GLY A 545 -25.56 36.17 18.93
C GLY A 545 -25.95 36.54 17.51
N LEU A 546 -26.79 35.72 16.86
CA LEU A 546 -27.29 36.10 15.55
C LEU A 546 -28.11 37.38 15.66
N SER A 547 -29.01 37.43 16.66
CA SER A 547 -29.74 38.66 16.98
C SER A 547 -28.77 39.85 17.09
N GLU A 548 -27.76 39.71 17.95
CA GLU A 548 -26.75 40.73 18.14
C GLU A 548 -25.86 40.88 16.91
N GLY A 549 -26.07 40.06 15.87
CA GLY A 549 -25.24 40.09 14.68
C GLY A 549 -23.79 39.76 15.01
N VAL A 550 -23.59 38.65 15.71
CA VAL A 550 -22.29 38.31 16.25
C VAL A 550 -22.07 36.80 16.14
N LEU A 551 -20.81 36.40 16.02
CA LEU A 551 -20.39 35.01 16.01
C LEU A 551 -19.42 34.79 17.16
N GLU A 552 -19.56 33.66 17.84
CA GLU A 552 -18.66 33.31 18.93
C GLU A 552 -17.47 32.52 18.39
N TYR A 553 -16.27 32.92 18.78
CA TYR A 553 -15.03 32.26 18.38
C TYR A 553 -14.24 31.80 19.62
N LYS A 554 -13.50 30.71 19.48
CA LYS A 554 -12.54 30.29 20.48
C LYS A 554 -11.40 29.55 19.80
N GLY A 555 -10.17 29.82 20.25
CA GLY A 555 -9.02 29.06 19.79
C GLY A 555 -8.71 27.88 20.71
N ARG A 556 -8.20 26.80 20.08
CA ARG A 556 -7.92 25.55 20.78
C ARG A 556 -7.06 25.75 22.03
N ARG A 557 -6.18 26.73 22.00
CA ARG A 557 -5.30 27.02 23.11
C ARG A 557 -5.82 28.11 24.03
N ASP A 558 -6.64 29.04 23.53
CA ASP A 558 -7.25 30.10 24.32
C ASP A 558 -7.93 29.58 25.58
N SER A 559 -8.08 30.46 26.56
CA SER A 559 -8.80 30.17 27.79
C SER A 559 -10.24 30.65 27.74
N GLU A 560 -10.49 31.83 27.20
CA GLU A 560 -11.84 32.36 27.08
C GLU A 560 -12.24 32.42 25.60
N SER A 561 -13.53 32.25 25.34
CA SER A 561 -14.10 32.53 24.03
C SER A 561 -14.49 34.01 23.94
N GLN A 562 -14.73 34.47 22.72
CA GLN A 562 -15.03 35.87 22.50
C GLN A 562 -16.08 36.01 21.39
N ASN A 563 -16.86 37.09 21.48
CA ASN A 563 -17.82 37.42 20.45
C ASN A 563 -17.17 38.33 19.42
N LEU A 564 -17.77 38.37 18.24
CA LEU A 564 -17.11 38.85 17.04
C LEU A 564 -18.14 39.28 16.00
N PRO A 565 -18.09 40.53 15.53
CA PRO A 565 -19.05 40.93 14.49
C PRO A 565 -18.87 40.07 13.25
N ILE A 566 -20.00 39.71 12.62
CA ILE A 566 -20.00 38.68 11.59
C ILE A 566 -19.15 39.10 10.39
N GLY A 567 -19.28 40.35 9.94
CA GLY A 567 -18.50 40.80 8.81
C GLY A 567 -17.01 40.65 9.04
N GLU A 568 -16.55 41.03 10.23
CA GLU A 568 -15.14 40.93 10.58
C GLU A 568 -14.64 39.49 10.63
N LEU A 569 -15.54 38.50 10.66
CA LEU A 569 -15.16 37.13 11.01
C LEU A 569 -14.25 36.50 9.96
N MET A 570 -14.61 36.67 8.68
CA MET A 570 -13.77 36.10 7.62
C MET A 570 -12.36 36.69 7.65
N SER A 571 -12.26 37.99 7.93
CA SER A 571 -10.92 38.59 8.09
C SER A 571 -10.24 38.05 9.34
N PHE A 572 -10.96 38.05 10.46
CA PHE A 572 -10.38 37.65 11.73
C PHE A 572 -9.77 36.26 11.64
N ILE A 573 -10.45 35.34 10.95
CA ILE A 573 -10.00 33.95 10.91
C ILE A 573 -8.88 33.75 9.89
N THR A 574 -8.88 34.49 8.78
CA THR A 574 -7.79 34.35 7.82
C THR A 574 -6.48 34.81 8.43
N GLU A 575 -6.54 35.84 9.28
CA GLU A 575 -5.34 36.27 10.00
C GLU A 575 -4.89 35.20 10.99
N LYS A 576 -5.84 34.51 11.63
CA LYS A 576 -5.51 33.50 12.63
C LYS A 576 -4.63 32.41 12.03
N LEU A 577 -4.90 32.01 10.79
CA LEU A 577 -4.18 30.92 10.14
C LEU A 577 -3.03 31.43 9.28
N SER A 578 -2.61 32.69 9.48
CA SER A 578 -1.60 33.32 8.62
C SER A 578 -0.18 32.90 8.99
N MET B 9 17.37 17.75 -16.21
CA MET B 9 17.99 16.43 -16.09
C MET B 9 16.96 15.32 -16.29
N ARG B 10 15.87 15.61 -17.00
CA ARG B 10 14.65 14.84 -16.78
C ARG B 10 14.68 13.48 -17.48
N THR B 11 14.95 13.43 -18.80
CA THR B 11 14.96 12.10 -19.43
C THR B 11 16.11 11.24 -18.93
N SER B 12 17.30 11.83 -18.71
CA SER B 12 18.39 11.02 -18.17
C SER B 12 18.09 10.49 -16.76
N GLN B 13 16.89 10.79 -16.24
CA GLN B 13 16.37 10.21 -15.01
C GLN B 13 15.15 9.34 -15.25
N TYR B 14 14.10 9.87 -15.90
CA TYR B 14 12.82 9.18 -15.98
C TYR B 14 12.80 7.99 -16.95
N LEU B 15 13.58 8.03 -18.03
CA LEU B 15 13.55 6.96 -19.02
C LEU B 15 14.36 5.75 -18.59
N LEU B 16 15.18 5.88 -17.55
CA LEU B 16 15.98 4.81 -16.93
C LEU B 16 16.88 4.16 -17.98
N SER B 17 16.87 2.83 -18.11
CA SER B 17 17.82 2.09 -18.95
C SER B 17 17.58 2.33 -20.45
N PRO B 23 10.92 -8.34 -24.69
CA PRO B 23 9.78 -8.53 -23.77
C PRO B 23 9.66 -10.01 -23.40
N ALA B 24 9.55 -10.84 -24.43
CA ALA B 24 9.76 -12.28 -24.47
C ALA B 24 8.57 -13.11 -23.96
N ASP B 25 7.49 -12.50 -23.48
CA ASP B 25 6.41 -13.30 -22.93
C ASP B 25 5.11 -12.51 -22.91
N ALA B 26 5.24 -11.18 -22.88
CA ALA B 26 4.08 -10.29 -22.94
C ALA B 26 3.37 -10.42 -24.27
N VAL B 27 2.09 -10.76 -24.23
CA VAL B 27 1.32 -11.01 -25.43
C VAL B 27 0.19 -10.01 -25.65
N VAL B 28 -0.29 -9.31 -24.64
CA VAL B 28 -1.28 -8.26 -24.83
C VAL B 28 -0.56 -6.93 -25.03
N ILE B 29 -1.17 -6.02 -25.80
CA ILE B 29 -0.44 -4.84 -26.25
C ILE B 29 -0.08 -3.94 -25.06
N SER B 30 -0.97 -3.81 -24.06
CA SER B 30 -0.70 -2.88 -22.96
C SER B 30 0.50 -3.33 -22.13
N HIS B 31 0.66 -4.64 -21.95
CA HIS B 31 1.78 -5.14 -21.19
C HIS B 31 3.09 -4.88 -21.93
N GLN B 32 3.13 -5.23 -23.22
CA GLN B 32 4.31 -4.94 -24.03
C GLN B 32 4.65 -3.45 -24.05
N LEU B 33 3.64 -2.58 -24.19
CA LEU B 33 3.96 -1.16 -24.26
C LEU B 33 4.38 -0.63 -22.88
N LEU B 34 3.69 -1.05 -21.81
CA LEU B 34 4.06 -0.64 -20.46
C LEU B 34 5.48 -1.07 -20.09
N LEU B 35 5.94 -2.23 -20.58
CA LEU B 35 7.31 -2.64 -20.33
C LEU B 35 8.30 -1.83 -21.18
N ARG B 36 8.03 -1.74 -22.49
CA ARG B 36 8.92 -1.03 -23.42
C ARG B 36 9.06 0.44 -23.05
N ALA B 37 7.96 1.06 -22.62
CA ALA B 37 7.96 2.48 -22.28
C ALA B 37 8.56 2.75 -20.89
N GLY B 38 9.13 1.74 -20.23
CA GLY B 38 9.64 1.92 -18.88
C GLY B 38 8.62 2.42 -17.88
N MET B 39 7.36 2.00 -18.02
CA MET B 39 6.30 2.29 -17.04
C MET B 39 6.30 1.32 -15.88
N ILE B 40 6.68 0.06 -16.13
CA ILE B 40 6.65 -1.00 -15.10
C ILE B 40 7.74 -2.00 -15.43
N ARG B 41 8.13 -2.77 -14.43
CA ARG B 41 9.02 -3.90 -14.66
C ARG B 41 8.64 -5.02 -13.70
N ARG B 42 8.94 -6.24 -14.14
CA ARG B 42 8.59 -7.42 -13.38
C ARG B 42 9.61 -7.67 -12.25
N LEU B 43 9.08 -8.07 -11.09
CA LEU B 43 9.88 -8.51 -9.97
C LEU B 43 9.83 -10.02 -9.83
N ALA B 44 8.62 -10.56 -9.67
CA ALA B 44 8.36 -11.98 -9.74
C ALA B 44 7.02 -12.12 -10.44
N SER B 45 6.51 -13.35 -10.49
CA SER B 45 5.30 -13.64 -11.24
C SER B 45 4.14 -12.78 -10.75
N GLY B 46 3.60 -11.96 -11.66
CA GLY B 46 2.47 -11.10 -11.36
C GLY B 46 2.76 -10.04 -10.32
N LEU B 47 4.04 -9.67 -10.15
CA LEU B 47 4.47 -8.66 -9.19
C LEU B 47 5.32 -7.64 -9.94
N TYR B 48 4.83 -6.40 -10.04
CA TYR B 48 5.42 -5.40 -10.91
C TYR B 48 5.73 -4.14 -10.13
N THR B 49 6.93 -3.61 -10.34
CA THR B 49 7.31 -2.32 -9.81
C THR B 49 6.76 -1.22 -10.70
N TRP B 50 6.22 -0.18 -10.08
CA TRP B 50 5.87 1.04 -10.80
C TRP B 50 7.11 1.87 -10.94
N LEU B 51 7.55 2.08 -12.18
CA LEU B 51 8.71 2.90 -12.45
C LEU B 51 8.30 4.36 -12.37
N PRO B 52 9.26 5.29 -12.34
CA PRO B 52 8.90 6.70 -12.12
C PRO B 52 7.84 7.23 -13.08
N MET B 53 8.01 7.00 -14.39
CA MET B 53 7.02 7.42 -15.36
C MET B 53 5.69 6.66 -15.20
N GLY B 54 5.74 5.38 -14.85
CA GLY B 54 4.51 4.64 -14.66
C GLY B 54 3.73 5.12 -13.45
N LEU B 55 4.44 5.44 -12.37
CA LEU B 55 3.78 5.96 -11.17
C LEU B 55 3.09 7.30 -11.42
N ARG B 56 3.63 8.11 -12.35
CA ARG B 56 2.98 9.38 -12.63
C ARG B 56 1.58 9.15 -13.20
N VAL B 57 1.43 8.13 -14.05
CA VAL B 57 0.12 7.80 -14.60
C VAL B 57 -0.78 7.23 -13.52
N LEU B 58 -0.26 6.27 -12.74
CA LEU B 58 -1.02 5.67 -11.64
C LEU B 58 -1.65 6.72 -10.71
N ARG B 59 -0.84 7.68 -10.24
CA ARG B 59 -1.35 8.70 -9.34
C ARG B 59 -2.43 9.56 -10.00
N LYS B 60 -2.35 9.77 -11.31
CA LYS B 60 -3.39 10.55 -11.98
C LYS B 60 -4.73 9.83 -11.93
N VAL B 61 -4.75 8.52 -12.19
CA VAL B 61 -5.94 7.73 -11.95
C VAL B 61 -6.41 7.89 -10.50
N GLU B 62 -5.51 7.64 -9.55
CA GLU B 62 -5.89 7.68 -8.15
C GLU B 62 -6.51 9.01 -7.76
N THR B 63 -6.04 10.12 -8.34
CA THR B 63 -6.59 11.41 -7.96
C THR B 63 -8.05 11.56 -8.40
N ILE B 64 -8.37 11.17 -9.63
CA ILE B 64 -9.73 11.31 -10.12
C ILE B 64 -10.70 10.41 -9.36
N VAL B 65 -10.31 9.14 -9.12
CA VAL B 65 -11.18 8.22 -8.39
C VAL B 65 -11.46 8.72 -6.98
N ARG B 66 -10.43 9.27 -6.31
CA ARG B 66 -10.64 9.77 -4.96
C ARG B 66 -11.48 11.05 -4.95
N GLU B 67 -11.37 11.88 -5.99
CA GLU B 67 -12.19 13.08 -6.07
C GLU B 67 -13.67 12.73 -6.24
N GLU B 68 -13.98 11.74 -7.08
CA GLU B 68 -15.37 11.40 -7.32
C GLU B 68 -15.98 10.59 -6.18
N MET B 69 -15.17 9.78 -5.48
CA MET B 69 -15.65 9.12 -4.26
C MET B 69 -15.98 10.15 -3.18
N ASN B 70 -15.13 11.16 -3.03
CA ASN B 70 -15.40 12.20 -2.05
C ASN B 70 -16.62 13.01 -2.47
N ALA B 71 -16.71 13.38 -3.75
CA ALA B 71 -17.85 14.17 -4.20
C ALA B 71 -19.15 13.41 -4.05
N ALA B 72 -19.09 12.08 -3.99
CA ALA B 72 -20.27 11.24 -3.81
C ALA B 72 -20.52 10.93 -2.35
N GLY B 73 -19.75 11.52 -1.44
CA GLY B 73 -20.01 11.41 -0.02
C GLY B 73 -19.37 10.25 0.69
N ALA B 74 -18.33 9.64 0.14
CA ALA B 74 -17.71 8.49 0.80
C ALA B 74 -16.52 8.96 1.62
N LEU B 75 -16.20 8.21 2.68
CA LEU B 75 -15.16 8.57 3.63
C LEU B 75 -13.95 7.66 3.41
N GLU B 76 -12.85 8.23 2.95
CA GLU B 76 -11.65 7.44 2.77
C GLU B 76 -11.10 6.95 4.12
N VAL B 77 -10.81 5.66 4.18
CA VAL B 77 -10.13 5.03 5.29
C VAL B 77 -8.94 4.28 4.72
N LEU B 78 -8.11 3.75 5.60
CA LEU B 78 -7.02 2.86 5.17
C LEU B 78 -6.94 1.69 6.14
N MET B 79 -7.23 0.49 5.66
CA MET B 79 -7.24 -0.71 6.46
C MET B 79 -5.99 -1.53 6.20
N PRO B 80 -5.66 -2.44 7.11
CA PRO B 80 -4.43 -3.24 6.95
C PRO B 80 -4.48 -4.20 5.76
N ALA B 81 -3.29 -4.52 5.25
CA ALA B 81 -3.17 -5.58 4.26
C ALA B 81 -3.22 -6.95 4.91
N VAL B 82 -2.41 -7.16 5.94
CA VAL B 82 -2.44 -8.40 6.72
C VAL B 82 -3.69 -8.44 7.58
N GLN B 83 -4.40 -9.58 7.56
CA GLN B 83 -5.70 -9.70 8.20
C GLN B 83 -5.81 -10.98 9.02
N PRO B 84 -6.39 -10.92 10.22
CA PRO B 84 -6.56 -12.11 11.05
C PRO B 84 -7.44 -13.18 10.40
N ALA B 85 -6.97 -14.43 10.43
CA ALA B 85 -7.78 -15.52 9.89
C ALA B 85 -9.12 -15.66 10.60
N GLU B 86 -9.19 -15.25 11.87
CA GLU B 86 -10.41 -15.43 12.65
C GLU B 86 -11.58 -14.63 12.07
N LEU B 87 -11.32 -13.45 11.50
CA LEU B 87 -12.35 -12.72 10.77
C LEU B 87 -12.82 -13.52 9.56
N TRP B 88 -11.87 -14.01 8.77
CA TRP B 88 -12.21 -14.81 7.60
C TRP B 88 -12.90 -16.10 8.02
N GLN B 89 -12.70 -16.54 9.26
CA GLN B 89 -13.44 -17.68 9.75
C GLN B 89 -14.88 -17.32 10.13
N GLU B 90 -15.15 -16.07 10.50
CA GLU B 90 -16.53 -15.68 10.76
C GLU B 90 -17.39 -15.74 9.51
N SER B 91 -16.85 -15.32 8.38
CA SER B 91 -17.59 -15.40 7.12
C SER B 91 -17.48 -16.77 6.46
N GLY B 92 -16.71 -17.69 7.02
CA GLY B 92 -16.42 -18.94 6.37
C GLY B 92 -15.49 -18.87 5.19
N ARG B 93 -15.15 -17.65 4.72
CA ARG B 93 -14.32 -17.50 3.54
C ARG B 93 -12.87 -17.88 3.79
N TRP B 94 -12.44 -17.99 5.05
CA TRP B 94 -11.09 -18.49 5.32
C TRP B 94 -10.83 -19.80 4.60
N GLU B 95 -11.83 -20.68 4.59
CA GLU B 95 -11.73 -21.91 3.82
C GLU B 95 -12.30 -21.74 2.42
N GLN B 96 -13.53 -21.20 2.32
CA GLN B 96 -14.28 -21.23 1.07
C GLN B 96 -13.64 -20.40 -0.02
N TYR B 97 -12.77 -19.45 0.32
CA TYR B 97 -12.23 -18.53 -0.69
C TYR B 97 -11.43 -19.27 -1.74
N GLY B 98 -10.77 -20.36 -1.38
CA GLY B 98 -10.00 -21.14 -2.32
C GLY B 98 -8.52 -20.80 -2.31
N PRO B 99 -7.78 -21.41 -3.24
CA PRO B 99 -6.32 -21.22 -3.25
C PRO B 99 -5.86 -19.83 -3.67
N GLU B 100 -6.76 -18.94 -4.08
CA GLU B 100 -6.33 -17.56 -4.36
C GLU B 100 -6.06 -16.78 -3.09
N LEU B 101 -6.42 -17.29 -1.91
CA LEU B 101 -6.16 -16.59 -0.67
C LEU B 101 -4.74 -16.92 -0.20
N LEU B 102 -3.90 -15.89 -0.11
CA LEU B 102 -2.51 -16.00 0.31
C LEU B 102 -2.48 -16.00 1.83
N ARG B 103 -2.28 -17.18 2.41
CA ARG B 103 -2.35 -17.38 3.85
CA ARG B 103 -2.35 -17.37 3.84
C ARG B 103 -0.94 -17.46 4.43
N LEU B 104 -0.79 -16.98 5.67
CA LEU B 104 0.50 -16.98 6.34
C LEU B 104 0.31 -17.16 7.84
N LYS B 105 1.42 -17.42 8.53
CA LYS B 105 1.48 -17.41 9.97
C LYS B 105 2.59 -16.45 10.41
N ASP B 106 2.40 -15.83 11.57
CA ASP B 106 3.44 -14.97 12.08
C ASP B 106 4.38 -15.77 13.01
N ARG B 107 5.28 -15.07 13.71
CA ARG B 107 6.26 -15.71 14.56
C ARG B 107 5.63 -16.37 15.78
N HIS B 108 4.40 -16.01 16.11
CA HIS B 108 3.67 -16.65 17.19
C HIS B 108 2.69 -17.70 16.68
N GLU B 109 2.82 -18.11 15.41
CA GLU B 109 1.95 -19.12 14.81
C GLU B 109 0.49 -18.68 14.73
N ARG B 110 0.21 -17.37 14.84
CA ARG B 110 -1.11 -16.87 14.52
C ARG B 110 -1.30 -16.78 13.01
N GLU B 111 -2.53 -16.95 12.55
CA GLU B 111 -2.82 -17.14 11.13
C GLU B 111 -3.40 -15.88 10.51
N PHE B 112 -2.88 -15.50 9.34
CA PHE B 112 -3.36 -14.33 8.64
C PHE B 112 -3.45 -14.63 7.15
N CYS B 113 -4.17 -13.77 6.44
CA CYS B 113 -4.04 -13.67 5.00
C CYS B 113 -3.55 -12.27 4.64
N VAL B 114 -3.04 -12.13 3.43
CA VAL B 114 -2.92 -10.82 2.79
C VAL B 114 -4.21 -10.63 2.00
N GLY B 115 -5.00 -9.63 2.38
CA GLY B 115 -6.34 -9.47 1.90
C GLY B 115 -6.45 -9.28 0.39
N PRO B 116 -7.36 -10.01 -0.25
CA PRO B 116 -7.69 -9.72 -1.64
C PRO B 116 -8.79 -8.66 -1.71
N THR B 117 -9.45 -8.47 -0.59
CA THR B 117 -10.60 -7.58 -0.44
C THR B 117 -10.85 -7.48 1.06
N HIS B 118 -11.90 -6.74 1.46
CA HIS B 118 -11.95 -6.32 2.87
C HIS B 118 -13.34 -6.40 3.52
N GLU B 119 -14.25 -7.24 3.02
CA GLU B 119 -15.60 -7.30 3.58
C GLU B 119 -15.59 -7.58 5.08
N GLU B 120 -14.75 -8.51 5.53
CA GLU B 120 -14.75 -8.88 6.94
C GLU B 120 -14.17 -7.77 7.81
N VAL B 121 -13.01 -7.24 7.43
CA VAL B 121 -12.36 -6.17 8.19
C VAL B 121 -13.30 -4.96 8.33
N ILE B 122 -13.97 -4.57 7.25
CA ILE B 122 -14.82 -3.38 7.32
C ILE B 122 -16.08 -3.68 8.13
N THR B 123 -16.60 -4.90 8.03
CA THR B 123 -17.72 -5.30 8.89
C THR B 123 -17.30 -5.32 10.35
N ASP B 124 -16.08 -5.79 10.63
CA ASP B 124 -15.53 -5.75 11.98
C ASP B 124 -15.43 -4.32 12.47
N LEU B 125 -15.00 -3.40 11.61
CA LEU B 125 -14.95 -2.00 11.96
C LEU B 125 -16.35 -1.47 12.28
N ALA B 126 -17.31 -1.75 11.40
CA ALA B 126 -18.68 -1.30 11.59
C ALA B 126 -19.28 -1.84 12.88
N ARG B 127 -18.96 -3.09 13.24
CA ARG B 127 -19.41 -3.61 14.53
C ARG B 127 -19.02 -2.69 15.66
N ASN B 128 -17.78 -2.19 15.64
CA ASN B 128 -17.28 -1.41 16.75
C ASN B 128 -17.60 0.07 16.61
N GLU B 129 -17.74 0.57 15.39
CA GLU B 129 -17.89 2.00 15.16
C GLU B 129 -19.32 2.45 14.83
N LEU B 130 -20.16 1.59 14.28
CA LEU B 130 -21.52 1.98 13.90
C LEU B 130 -22.50 1.52 14.99
N ASN B 131 -22.97 2.49 15.80
CA ASN B 131 -23.75 2.19 16.98
C ASN B 131 -25.11 2.88 17.01
N SER B 132 -25.38 3.83 16.12
CA SER B 132 -26.64 4.54 16.15
C SER B 132 -27.16 4.75 14.73
N TYR B 133 -28.49 4.65 14.57
CA TYR B 133 -29.09 4.84 13.25
C TYR B 133 -28.82 6.23 12.69
N LYS B 134 -28.50 7.20 13.55
CA LYS B 134 -28.19 8.56 13.13
C LYS B 134 -26.88 8.64 12.34
N GLN B 135 -26.07 7.58 12.37
CA GLN B 135 -24.87 7.47 11.54
C GLN B 135 -25.15 6.86 10.17
N LEU B 136 -26.37 6.41 9.89
CA LEU B 136 -26.52 5.75 8.60
C LEU B 136 -27.37 6.60 7.66
N PRO B 137 -27.14 6.48 6.34
CA PRO B 137 -26.13 5.63 5.66
C PRO B 137 -24.71 6.17 5.70
N ILE B 138 -23.72 5.27 5.58
CA ILE B 138 -22.31 5.64 5.53
C ILE B 138 -21.63 4.76 4.50
N ASN B 139 -20.63 5.31 3.81
CA ASN B 139 -19.92 4.62 2.73
C ASN B 139 -18.42 4.82 2.93
N PHE B 140 -17.72 3.76 3.25
CA PHE B 140 -16.27 3.80 3.45
C PHE B 140 -15.57 3.31 2.20
N TYR B 141 -14.43 3.90 1.86
CA TYR B 141 -13.63 3.39 0.74
C TYR B 141 -12.16 3.55 1.06
N GLN B 142 -11.34 2.79 0.34
CA GLN B 142 -9.88 2.89 0.43
C GLN B 142 -9.27 2.65 -0.94
N ILE B 143 -8.01 3.06 -1.08
CA ILE B 143 -7.20 2.79 -2.26
C ILE B 143 -5.96 2.11 -1.72
N GLN B 144 -5.87 0.79 -1.89
CA GLN B 144 -4.92 0.01 -1.13
C GLN B 144 -4.56 -1.24 -1.92
N THR B 145 -3.36 -1.74 -1.66
CA THR B 145 -2.80 -2.89 -2.36
C THR B 145 -3.44 -4.19 -1.88
N LYS B 146 -3.96 -4.98 -2.80
CA LYS B 146 -4.48 -6.30 -2.48
C LYS B 146 -3.50 -7.36 -2.97
N PHE B 147 -3.76 -8.61 -2.59
CA PHE B 147 -3.06 -9.75 -3.17
C PHE B 147 -4.08 -10.84 -3.49
N ARG B 148 -4.01 -11.35 -4.71
CA ARG B 148 -4.80 -12.51 -5.13
C ARG B 148 -3.84 -13.50 -5.78
N ASP B 149 -3.84 -14.75 -5.29
CA ASP B 149 -2.93 -15.76 -5.81
C ASP B 149 -3.51 -16.40 -7.07
N GLU B 150 -3.67 -15.56 -8.10
CA GLU B 150 -4.09 -16.05 -9.41
CA GLU B 150 -4.09 -16.04 -9.42
C GLU B 150 -3.22 -17.22 -9.83
N ILE B 151 -3.87 -18.30 -10.28
CA ILE B 151 -3.11 -19.51 -10.59
C ILE B 151 -2.09 -19.26 -11.71
N ARG B 152 -2.46 -18.44 -12.71
CA ARG B 152 -1.58 -18.13 -13.86
C ARG B 152 -1.56 -16.62 -14.08
N PRO B 153 -0.80 -15.87 -13.28
CA PRO B 153 -0.66 -14.43 -13.54
C PRO B 153 -0.18 -14.14 -14.96
N ARG B 154 -0.88 -13.25 -15.64
CA ARG B 154 -0.65 -12.99 -17.05
C ARG B 154 -1.19 -11.60 -17.37
N PHE B 155 -0.96 -11.17 -18.61
CA PHE B 155 -1.52 -9.92 -19.16
C PHE B 155 -1.03 -8.69 -18.39
N GLY B 156 0.13 -8.79 -17.76
CA GLY B 156 0.68 -7.67 -17.02
C GLY B 156 -0.26 -7.19 -15.93
N LEU B 157 -0.57 -5.89 -15.97
CA LEU B 157 -1.36 -5.25 -14.92
C LEU B 157 -2.78 -5.75 -14.83
N MET B 158 -3.23 -6.55 -15.80
CA MET B 158 -4.64 -6.91 -15.87
C MET B 158 -4.98 -8.19 -15.11
N ARG B 159 -4.06 -9.14 -15.05
CA ARG B 159 -4.25 -10.34 -14.24
C ARG B 159 -3.01 -10.60 -13.40
N GLY B 160 -2.57 -9.55 -12.70
CA GLY B 160 -1.50 -9.67 -11.73
C GLY B 160 -1.98 -10.21 -10.40
N ARG B 161 -1.02 -10.43 -9.51
CA ARG B 161 -1.29 -10.93 -8.18
C ARG B 161 -1.34 -9.83 -7.13
N GLU B 162 -0.40 -8.90 -7.17
CA GLU B 162 -0.50 -7.68 -6.38
C GLU B 162 -0.97 -6.57 -7.29
N PHE B 163 -2.04 -5.89 -6.89
CA PHE B 163 -2.64 -4.85 -7.70
C PHE B 163 -3.31 -3.85 -6.76
N ILE B 164 -3.57 -2.66 -7.28
CA ILE B 164 -4.23 -1.62 -6.52
C ILE B 164 -5.72 -1.65 -6.86
N MET B 165 -6.52 -1.47 -5.83
CA MET B 165 -7.96 -1.54 -5.84
C MET B 165 -8.51 -0.31 -5.12
N LYS B 166 -9.53 0.31 -5.69
CA LYS B 166 -10.40 1.16 -4.90
C LYS B 166 -11.59 0.28 -4.54
N ASP B 167 -11.67 -0.11 -3.26
CA ASP B 167 -12.81 -0.87 -2.76
C ASP B 167 -13.57 -0.03 -1.76
N ALA B 168 -14.90 -0.03 -1.89
CA ALA B 168 -15.79 0.77 -1.05
C ALA B 168 -16.92 -0.09 -0.53
N TYR B 169 -17.45 0.30 0.62
CA TYR B 169 -18.41 -0.49 1.36
C TYR B 169 -19.37 0.48 2.04
N SER B 170 -20.67 0.37 1.72
CA SER B 170 -21.70 1.20 2.29
C SER B 170 -22.61 0.36 3.18
N PHE B 171 -23.13 0.96 4.25
CA PHE B 171 -23.99 0.29 5.22
C PHE B 171 -25.34 0.98 5.33
N HIS B 172 -26.42 0.20 5.43
CA HIS B 172 -27.76 0.75 5.34
C HIS B 172 -28.72 0.06 6.28
N LEU B 173 -29.73 0.81 6.71
CA LEU B 173 -30.84 0.27 7.49
C LEU B 173 -31.96 -0.26 6.64
N SER B 174 -31.97 0.04 5.35
CA SER B 174 -33.11 -0.32 4.51
C SER B 174 -32.63 -0.52 3.08
N GLN B 175 -33.46 -1.21 2.30
CA GLN B 175 -33.13 -1.47 0.90
C GLN B 175 -33.11 -0.18 0.08
N ASP B 176 -34.09 0.71 0.33
CA ASP B 176 -34.11 1.99 -0.37
C ASP B 176 -32.84 2.80 -0.11
N SER B 177 -32.41 2.86 1.15
CA SER B 177 -31.17 3.55 1.46
C SER B 177 -30.00 2.98 0.67
N LEU B 178 -29.91 1.64 0.60
CA LEU B 178 -28.85 1.01 -0.19
C LEU B 178 -28.94 1.42 -1.64
N GLN B 179 -30.16 1.44 -2.20
CA GLN B 179 -30.31 1.74 -3.63
C GLN B 179 -29.80 3.15 -3.94
N GLN B 180 -30.12 4.13 -3.10
CA GLN B 180 -29.72 5.52 -3.36
C GLN B 180 -28.21 5.64 -3.43
N THR B 181 -27.53 5.11 -2.42
CA THR B 181 -26.07 5.09 -2.45
C THR B 181 -25.56 4.32 -3.66
N TYR B 182 -26.11 3.14 -3.89
CA TYR B 182 -25.76 2.34 -5.06
C TYR B 182 -25.92 3.15 -6.35
N ASP B 183 -27.05 3.88 -6.49
CA ASP B 183 -27.22 4.74 -7.65
C ASP B 183 -26.17 5.84 -7.71
N GLY B 184 -25.83 6.43 -6.57
CA GLY B 184 -24.80 7.45 -6.56
C GLY B 184 -23.45 6.92 -7.00
N MET B 185 -23.15 5.66 -6.65
CA MET B 185 -21.88 5.06 -7.03
C MET B 185 -21.84 4.79 -8.53
N TYR B 186 -22.95 4.32 -9.07
CA TYR B 186 -23.07 4.18 -10.52
C TYR B 186 -22.75 5.50 -11.21
N GLN B 187 -23.33 6.60 -10.70
CA GLN B 187 -23.10 7.90 -11.31
CA GLN B 187 -23.11 7.91 -11.29
C GLN B 187 -21.66 8.36 -11.12
N ALA B 188 -21.09 8.11 -9.94
CA ALA B 188 -19.71 8.53 -9.70
C ALA B 188 -18.73 7.73 -10.54
N TYR B 189 -18.98 6.42 -10.68
CA TYR B 189 -18.14 5.62 -11.57
C TYR B 189 -18.20 6.16 -12.98
N SER B 190 -19.42 6.49 -13.44
CA SER B 190 -19.57 7.07 -14.77
C SER B 190 -18.80 8.37 -14.90
N LYS B 191 -18.76 9.19 -13.85
CA LYS B 191 -17.92 10.38 -13.91
C LYS B 191 -16.43 10.01 -13.94
N ILE B 192 -16.05 8.96 -13.21
CA ILE B 192 -14.65 8.58 -13.11
C ILE B 192 -14.12 8.12 -14.47
N PHE B 193 -14.86 7.26 -15.14
CA PHE B 193 -14.38 6.73 -16.42
C PHE B 193 -14.59 7.70 -17.57
N SER B 194 -15.33 8.79 -17.36
CA SER B 194 -15.35 9.88 -18.32
C SER B 194 -14.14 10.78 -18.15
N ARG B 195 -13.87 11.22 -16.92
CA ARG B 195 -12.68 12.04 -16.69
C ARG B 195 -11.41 11.30 -17.09
N LEU B 196 -11.40 9.99 -16.96
CA LEU B 196 -10.28 9.19 -17.42
C LEU B 196 -10.24 9.08 -18.93
N GLY B 197 -11.25 9.60 -19.62
CA GLY B 197 -11.26 9.62 -21.07
C GLY B 197 -11.27 8.25 -21.70
N LEU B 198 -12.04 7.32 -21.14
CA LEU B 198 -12.15 5.97 -21.67
C LEU B 198 -13.45 5.79 -22.44
N ASP B 199 -13.41 4.93 -23.44
CA ASP B 199 -14.64 4.47 -24.07
C ASP B 199 -15.15 3.29 -23.24
N PHE B 200 -16.17 3.55 -22.42
CA PHE B 200 -16.64 2.56 -21.47
C PHE B 200 -18.14 2.37 -21.64
N ARG B 201 -18.65 1.34 -20.95
CA ARG B 201 -20.06 1.01 -20.94
CA ARG B 201 -20.06 0.97 -20.96
C ARG B 201 -20.35 0.35 -19.59
N PRO B 202 -21.37 0.84 -18.87
CA PRO B 202 -21.86 0.07 -17.72
C PRO B 202 -22.86 -0.98 -18.23
N VAL B 203 -22.80 -2.18 -17.66
CA VAL B 203 -23.65 -3.28 -18.08
C VAL B 203 -24.25 -3.96 -16.86
N GLN B 204 -25.42 -4.56 -17.06
CA GLN B 204 -26.00 -5.44 -16.05
C GLN B 204 -25.14 -6.68 -15.87
N ALA B 205 -25.18 -7.24 -14.66
CA ALA B 205 -24.23 -8.27 -14.28
C ALA B 205 -24.93 -9.30 -13.41
N ASP B 206 -24.24 -10.44 -13.24
CA ASP B 206 -24.65 -11.49 -12.33
C ASP B 206 -24.93 -10.96 -10.92
N ASN B 207 -26.15 -11.17 -10.43
CA ASN B 207 -26.52 -10.84 -9.05
C ASN B 207 -26.77 -12.08 -8.21
N GLY B 208 -26.42 -13.26 -8.70
CA GLY B 208 -26.74 -14.51 -8.04
C GLY B 208 -28.16 -15.00 -8.21
N SER B 209 -29.06 -14.21 -8.79
CA SER B 209 -30.48 -14.57 -8.87
C SER B 209 -30.95 -14.57 -10.32
N ILE B 210 -32.15 -15.13 -10.51
CA ILE B 210 -32.86 -15.02 -11.78
C ILE B 210 -33.54 -13.66 -11.84
N GLY B 211 -33.28 -12.92 -12.91
CA GLY B 211 -33.88 -11.59 -13.00
C GLY B 211 -33.38 -10.67 -11.90
N GLY B 212 -34.15 -9.61 -11.69
CA GLY B 212 -33.76 -8.64 -10.69
C GLY B 212 -32.62 -7.75 -11.14
N SER B 213 -32.01 -7.09 -10.17
CA SER B 213 -31.02 -6.07 -10.50
C SER B 213 -29.97 -5.93 -9.42
N GLY B 214 -29.37 -4.75 -9.33
CA GLY B 214 -28.41 -4.47 -8.29
C GLY B 214 -27.07 -5.13 -8.44
N SER B 215 -26.62 -5.35 -9.67
CA SER B 215 -25.23 -5.68 -9.94
C SER B 215 -24.87 -5.10 -11.29
N HIS B 216 -23.87 -4.23 -11.34
CA HIS B 216 -23.44 -3.63 -12.59
C HIS B 216 -21.93 -3.67 -12.70
N GLU B 217 -21.44 -4.00 -13.90
CA GLU B 217 -20.03 -3.96 -14.21
C GLU B 217 -19.74 -2.75 -15.11
N PHE B 218 -18.53 -2.21 -14.97
CA PHE B 218 -18.04 -1.16 -15.85
C PHE B 218 -16.92 -1.71 -16.71
N HIS B 219 -17.07 -1.63 -18.03
CA HIS B 219 -16.14 -2.25 -18.98
C HIS B 219 -15.53 -1.22 -19.91
N VAL B 220 -14.25 -1.40 -20.23
CA VAL B 220 -13.60 -0.65 -21.29
C VAL B 220 -13.61 -1.52 -22.54
N LEU B 221 -14.08 -0.95 -23.65
CA LEU B 221 -14.21 -1.68 -24.90
C LEU B 221 -12.83 -1.89 -25.51
N ALA B 222 -12.47 -3.14 -25.76
CA ALA B 222 -11.18 -3.44 -26.35
C ALA B 222 -11.26 -4.85 -26.93
N ASN B 223 -10.66 -5.02 -28.10
CA ASN B 223 -10.81 -6.29 -28.81
C ASN B 223 -10.10 -7.43 -28.09
N SER B 224 -9.38 -7.13 -27.01
CA SER B 224 -8.74 -8.13 -26.15
C SER B 224 -9.57 -8.43 -24.92
N GLY B 225 -10.78 -7.89 -24.83
CA GLY B 225 -11.57 -8.11 -23.63
C GLY B 225 -11.85 -9.59 -23.42
N GLU B 226 -11.68 -10.02 -22.17
CA GLU B 226 -12.04 -11.37 -21.78
C GLU B 226 -13.51 -11.51 -21.45
N ASP B 227 -14.23 -10.43 -21.28
CA ASP B 227 -15.66 -10.48 -21.07
C ASP B 227 -16.37 -10.21 -22.38
N ASP B 228 -17.47 -10.92 -22.60
CA ASP B 228 -18.36 -10.63 -23.72
C ASP B 228 -19.55 -9.88 -23.15
N ILE B 229 -19.85 -8.72 -23.73
CA ILE B 229 -20.90 -7.84 -23.23
C ILE B 229 -21.91 -7.59 -24.34
N VAL B 230 -23.17 -7.58 -23.97
CA VAL B 230 -24.27 -7.59 -24.93
C VAL B 230 -24.96 -6.23 -24.94
N PHE B 231 -25.28 -5.75 -26.15
CA PHE B 231 -25.93 -4.47 -26.36
C PHE B 231 -27.05 -4.60 -27.39
N SER B 232 -28.20 -4.03 -27.07
CA SER B 232 -29.19 -3.71 -28.09
C SER B 232 -28.57 -2.76 -29.10
N ASP B 233 -28.98 -2.88 -30.36
CA ASP B 233 -28.51 -1.92 -31.35
C ASP B 233 -29.42 -0.72 -31.46
N SER B 234 -30.36 -0.55 -30.54
CA SER B 234 -31.24 0.61 -30.63
C SER B 234 -31.65 1.12 -29.25
N SER B 235 -31.83 0.23 -28.28
CA SER B 235 -32.21 0.62 -26.93
C SER B 235 -30.98 0.71 -26.05
N ASP B 236 -31.22 1.08 -24.79
CA ASP B 236 -30.19 1.20 -23.77
C ASP B 236 -29.80 -0.15 -23.14
N TYR B 237 -30.37 -1.27 -23.59
CA TYR B 237 -30.06 -2.55 -22.98
C TYR B 237 -28.57 -2.85 -23.04
N ALA B 238 -28.00 -3.23 -21.89
CA ALA B 238 -26.57 -3.51 -21.78
C ALA B 238 -26.35 -4.54 -20.68
N ALA B 239 -25.68 -5.65 -21.00
CA ALA B 239 -25.52 -6.71 -20.01
C ALA B 239 -24.37 -7.62 -20.39
N ASN B 240 -23.59 -8.01 -19.39
CA ASN B 240 -22.68 -9.13 -19.51
C ASN B 240 -23.43 -10.34 -20.03
N ILE B 241 -22.79 -11.09 -20.94
CA ILE B 241 -23.42 -12.31 -21.46
C ILE B 241 -23.82 -13.26 -20.35
N GLU B 242 -23.15 -13.20 -19.19
CA GLU B 242 -23.59 -14.03 -18.08
C GLU B 242 -25.03 -13.70 -17.71
N LYS B 243 -25.41 -12.43 -17.78
CA LYS B 243 -26.70 -11.98 -17.31
C LYS B 243 -27.74 -11.83 -18.41
N ALA B 244 -27.30 -11.49 -19.64
CA ALA B 244 -28.17 -11.16 -20.76
C ALA B 244 -29.30 -12.17 -20.96
N GLU B 245 -30.54 -11.72 -20.76
CA GLU B 245 -31.67 -12.59 -21.01
C GLU B 245 -31.71 -13.04 -22.46
N ALA B 246 -31.93 -14.33 -22.68
CA ALA B 246 -32.13 -14.88 -24.01
C ALA B 246 -33.60 -15.18 -24.24
N VAL B 247 -34.13 -14.66 -25.33
CA VAL B 247 -35.50 -14.91 -25.79
C VAL B 247 -35.40 -15.51 -27.19
N PRO B 248 -36.27 -16.43 -27.56
CA PRO B 248 -36.09 -17.14 -28.84
C PRO B 248 -36.57 -16.34 -30.04
N ARG B 249 -35.98 -16.65 -31.20
CA ARG B 249 -36.30 -15.93 -32.43
C ARG B 249 -37.67 -16.30 -32.97
N GLU B 250 -38.06 -17.56 -32.80
CA GLU B 250 -39.31 -18.04 -33.34
C GLU B 250 -40.47 -17.56 -32.46
N SER B 251 -41.65 -17.45 -33.05
CA SER B 251 -42.82 -17.01 -32.29
C SER B 251 -43.63 -18.16 -31.75
N ALA B 252 -43.74 -19.26 -32.51
CA ALA B 252 -44.55 -20.41 -32.14
C ALA B 252 -43.76 -21.69 -32.33
N ARG B 253 -44.22 -22.74 -31.64
CA ARG B 253 -43.72 -24.08 -31.90
C ARG B 253 -44.14 -24.56 -33.28
N GLY B 254 -43.22 -25.20 -33.99
CA GLY B 254 -43.55 -25.72 -35.31
C GLY B 254 -44.45 -26.93 -35.22
N SER B 255 -45.15 -27.20 -36.31
CA SER B 255 -46.06 -28.33 -36.39
C SER B 255 -45.31 -29.64 -36.62
N ALA B 256 -45.91 -30.73 -36.11
CA ALA B 256 -45.34 -32.07 -36.28
C ALA B 256 -45.49 -32.53 -37.73
N THR B 257 -44.37 -32.76 -38.41
CA THR B 257 -44.41 -33.23 -39.80
C THR B 257 -43.76 -34.59 -39.99
N GLU B 258 -43.17 -35.18 -38.94
CA GLU B 258 -42.57 -36.50 -39.01
C GLU B 258 -43.04 -37.33 -37.83
N ASP B 259 -42.92 -38.65 -37.96
CA ASP B 259 -43.11 -39.52 -36.82
C ASP B 259 -41.79 -39.72 -36.09
N MET B 260 -41.87 -39.97 -34.79
CA MET B 260 -40.65 -40.30 -34.08
C MET B 260 -40.22 -41.71 -34.46
N ARG B 261 -38.91 -41.93 -34.51
CA ARG B 261 -38.35 -43.20 -34.95
CA ARG B 261 -38.36 -43.21 -34.92
C ARG B 261 -36.97 -43.35 -34.33
N LEU B 262 -36.60 -44.60 -34.04
CA LEU B 262 -35.24 -44.91 -33.60
C LEU B 262 -34.31 -44.91 -34.80
N VAL B 263 -33.14 -44.28 -34.65
CA VAL B 263 -32.12 -44.26 -35.69
C VAL B 263 -30.81 -44.76 -35.09
N ASP B 264 -30.20 -45.73 -35.77
CA ASP B 264 -28.90 -46.26 -35.34
C ASP B 264 -27.83 -45.21 -35.52
N THR B 265 -27.07 -44.93 -34.44
CA THR B 265 -26.06 -43.87 -34.44
C THR B 265 -24.81 -44.33 -33.70
N PRO B 266 -24.22 -45.47 -34.12
CA PRO B 266 -23.07 -46.00 -33.38
C PRO B 266 -21.87 -45.08 -33.35
N ASN B 267 -21.76 -44.14 -34.30
CA ASN B 267 -20.62 -43.23 -34.41
C ASN B 267 -21.07 -41.79 -34.57
N THR B 268 -22.30 -41.48 -34.18
CA THR B 268 -22.81 -40.12 -34.21
C THR B 268 -23.07 -39.74 -32.76
N LYS B 269 -22.16 -38.96 -32.17
CA LYS B 269 -22.26 -38.57 -30.76
C LYS B 269 -22.10 -37.07 -30.52
N THR B 270 -22.04 -36.25 -31.56
CA THR B 270 -21.87 -34.81 -31.42
C THR B 270 -22.84 -34.07 -32.32
N ILE B 271 -23.03 -32.78 -32.02
CA ILE B 271 -23.81 -31.92 -32.91
C ILE B 271 -23.22 -31.93 -34.30
N ALA B 272 -21.89 -31.82 -34.40
CA ALA B 272 -21.24 -31.89 -35.71
C ALA B 272 -21.64 -33.14 -36.47
N ALA B 273 -21.69 -34.28 -35.78
CA ALA B 273 -21.92 -35.54 -36.50
C ALA B 273 -23.35 -35.60 -37.04
N LEU B 274 -24.32 -35.09 -36.30
CA LEU B 274 -25.69 -35.04 -36.79
C LEU B 274 -25.84 -34.08 -37.97
N VAL B 275 -25.26 -32.87 -37.86
CA VAL B 275 -25.42 -31.89 -38.91
C VAL B 275 -24.68 -32.30 -40.17
N ASP B 276 -23.42 -32.69 -40.05
CA ASP B 276 -22.64 -33.03 -41.24
C ASP B 276 -22.96 -34.42 -41.76
N GLY B 277 -23.10 -35.39 -40.88
CA GLY B 277 -23.23 -36.76 -41.32
C GLY B 277 -24.65 -37.11 -41.72
N PHE B 278 -25.61 -36.85 -40.85
CA PHE B 278 -27.02 -37.08 -41.14
C PHE B 278 -27.71 -35.89 -41.81
N GLN B 279 -26.99 -34.79 -42.06
CA GLN B 279 -27.53 -33.62 -42.73
C GLN B 279 -28.71 -33.02 -41.96
N LEU B 280 -28.58 -33.02 -40.64
CA LEU B 280 -29.74 -32.41 -40.01
C LEU B 280 -29.52 -30.90 -39.88
N PRO B 281 -30.53 -30.06 -40.06
CA PRO B 281 -30.36 -28.66 -39.68
C PRO B 281 -30.06 -28.56 -38.19
N ILE B 282 -29.06 -27.76 -37.85
CA ILE B 282 -28.58 -27.68 -36.46
C ILE B 282 -29.69 -27.23 -35.53
N GLU B 283 -30.65 -26.45 -36.04
CA GLU B 283 -31.84 -26.10 -35.29
C GLU B 283 -32.68 -27.31 -34.92
N LYS B 284 -32.35 -28.50 -35.43
CA LYS B 284 -33.09 -29.71 -35.13
C LYS B 284 -32.29 -30.64 -34.22
N THR B 285 -31.27 -30.12 -33.54
CA THR B 285 -30.42 -30.86 -32.62
C THR B 285 -30.44 -30.23 -31.23
N ILE B 286 -30.07 -31.02 -30.23
CA ILE B 286 -30.03 -30.56 -28.85
C ILE B 286 -28.75 -31.05 -28.19
N LYS B 287 -28.27 -30.27 -27.23
CA LYS B 287 -27.26 -30.74 -26.28
C LYS B 287 -27.95 -30.96 -24.94
N THR B 288 -27.76 -32.14 -24.37
CA THR B 288 -28.20 -32.40 -23.01
C THR B 288 -27.00 -32.37 -22.08
N LEU B 289 -27.12 -31.65 -20.98
CA LEU B 289 -26.05 -31.50 -20.00
C LEU B 289 -26.60 -31.94 -18.65
N VAL B 290 -26.06 -33.05 -18.14
CA VAL B 290 -26.46 -33.60 -16.85
C VAL B 290 -25.57 -32.97 -15.79
N VAL B 291 -26.17 -32.19 -14.91
CA VAL B 291 -25.47 -31.52 -13.83
C VAL B 291 -26.00 -32.05 -12.51
N HIS B 292 -25.28 -31.74 -11.43
CA HIS B 292 -25.71 -32.17 -10.11
C HIS B 292 -26.91 -31.37 -9.64
N GLY B 293 -27.77 -32.03 -8.86
CA GLY B 293 -28.91 -31.36 -8.28
C GLY B 293 -28.58 -30.66 -6.99
N ALA B 294 -29.36 -29.63 -6.68
CA ALA B 294 -29.24 -28.97 -5.39
C ALA B 294 -29.69 -29.90 -4.27
N GLU B 295 -30.65 -30.77 -4.55
CA GLU B 295 -30.95 -31.88 -3.65
C GLU B 295 -29.80 -32.87 -3.74
N GLU B 296 -29.14 -33.12 -2.61
CA GLU B 296 -27.95 -33.96 -2.58
C GLU B 296 -28.24 -35.31 -3.24
N GLY B 297 -27.35 -35.71 -4.14
CA GLY B 297 -27.40 -37.00 -4.77
C GLY B 297 -28.30 -37.09 -5.97
N THR B 298 -28.99 -36.01 -6.34
CA THR B 298 -29.90 -35.98 -7.48
C THR B 298 -29.19 -35.40 -8.68
N LEU B 299 -29.76 -35.67 -9.85
CA LEU B 299 -29.23 -35.17 -11.11
C LEU B 299 -30.28 -34.33 -11.83
N VAL B 300 -29.84 -33.34 -12.58
CA VAL B 300 -30.72 -32.56 -13.45
C VAL B 300 -30.14 -32.55 -14.85
N ALA B 301 -31.01 -32.70 -15.85
CA ALA B 301 -30.64 -32.58 -17.25
C ALA B 301 -31.07 -31.21 -17.79
N LEU B 302 -30.12 -30.45 -18.30
CA LEU B 302 -30.36 -29.16 -18.92
C LEU B 302 -30.11 -29.28 -20.41
N ILE B 303 -31.05 -28.79 -21.22
CA ILE B 303 -31.03 -29.01 -22.66
C ILE B 303 -31.03 -27.66 -23.40
N VAL B 304 -30.06 -27.45 -24.28
CA VAL B 304 -30.09 -26.31 -25.19
C VAL B 304 -29.99 -26.83 -26.61
N ARG B 305 -30.39 -25.97 -27.55
CA ARG B 305 -30.33 -26.29 -28.97
C ARG B 305 -28.89 -26.46 -29.44
N GLY B 306 -28.72 -27.26 -30.50
CA GLY B 306 -27.39 -27.61 -30.96
C GLY B 306 -26.50 -26.41 -31.25
N ASP B 307 -27.08 -25.33 -31.74
CA ASP B 307 -26.33 -24.13 -32.08
C ASP B 307 -26.17 -23.17 -30.90
N HIS B 308 -26.55 -23.58 -29.69
CA HIS B 308 -26.45 -22.74 -28.50
C HIS B 308 -25.50 -23.36 -27.48
N GLU B 309 -25.10 -22.55 -26.50
CA GLU B 309 -24.35 -23.01 -25.36
C GLU B 309 -25.15 -22.79 -24.08
N LEU B 310 -24.93 -23.70 -23.13
CA LEU B 310 -25.43 -23.54 -21.77
C LEU B 310 -24.74 -22.36 -21.07
N ASN B 311 -25.53 -21.43 -20.58
CA ASN B 311 -25.06 -20.38 -19.68
C ASN B 311 -24.93 -20.97 -18.28
N GLU B 312 -23.71 -21.11 -17.80
CA GLU B 312 -23.49 -21.80 -16.53
C GLU B 312 -24.06 -21.00 -15.36
N ILE B 313 -24.04 -19.68 -15.46
CA ILE B 313 -24.59 -18.83 -14.42
C ILE B 313 -26.11 -18.95 -14.37
N LYS B 314 -26.75 -18.96 -15.54
CA LYS B 314 -28.18 -19.25 -15.60
C LYS B 314 -28.46 -20.67 -15.13
N ALA B 315 -27.63 -21.62 -15.56
CA ALA B 315 -27.77 -23.00 -15.11
C ALA B 315 -27.82 -23.07 -13.59
N ALA B 316 -26.79 -22.54 -12.91
CA ALA B 316 -26.73 -22.66 -11.46
C ALA B 316 -27.75 -21.77 -10.75
N ASN B 317 -28.35 -20.80 -11.42
CA ASN B 317 -29.45 -20.04 -10.83
C ASN B 317 -30.74 -20.83 -10.73
N GLN B 318 -30.90 -21.91 -11.48
CA GLN B 318 -32.12 -22.69 -11.37
C GLN B 318 -32.20 -23.32 -9.97
N PRO B 319 -33.35 -23.22 -9.31
CA PRO B 319 -33.49 -23.88 -7.99
C PRO B 319 -33.19 -25.38 -7.96
N LEU B 320 -33.52 -26.15 -9.01
CA LEU B 320 -33.20 -27.58 -8.96
C LEU B 320 -31.71 -27.86 -9.13
N VAL B 321 -30.93 -26.89 -9.59
CA VAL B 321 -29.53 -27.09 -9.97
C VAL B 321 -28.64 -26.67 -8.82
N ALA B 322 -27.61 -27.47 -8.53
CA ALA B 322 -26.68 -27.11 -7.47
C ALA B 322 -25.83 -25.92 -7.90
N SER B 323 -25.72 -24.94 -7.01
CA SER B 323 -24.81 -23.83 -7.21
C SER B 323 -23.70 -23.89 -6.17
N PRO B 324 -22.43 -23.87 -6.58
CA PRO B 324 -22.00 -23.69 -7.97
C PRO B 324 -22.17 -24.94 -8.84
N LEU B 325 -22.13 -24.73 -10.16
CA LEU B 325 -22.44 -25.78 -11.13
C LEU B 325 -21.40 -26.90 -11.06
N VAL B 326 -21.89 -28.14 -11.04
CA VAL B 326 -21.07 -29.33 -11.08
C VAL B 326 -21.64 -30.24 -12.16
N PHE B 327 -20.78 -30.68 -13.07
CA PHE B 327 -21.22 -31.55 -14.15
C PHE B 327 -21.13 -33.00 -13.70
N ALA B 328 -22.14 -33.79 -14.06
CA ALA B 328 -22.14 -35.18 -13.66
C ALA B 328 -21.05 -35.95 -14.42
N SER B 329 -20.58 -37.03 -13.79
CA SER B 329 -19.57 -37.86 -14.45
C SER B 329 -20.23 -38.84 -15.40
N GLU B 330 -19.43 -39.41 -16.30
CA GLU B 330 -19.95 -40.44 -17.18
C GLU B 330 -20.53 -41.60 -16.38
N ALA B 331 -19.84 -42.02 -15.31
CA ALA B 331 -20.36 -43.13 -14.52
C ALA B 331 -21.70 -42.77 -13.86
N GLU B 332 -21.80 -41.54 -13.30
CA GLU B 332 -23.08 -41.07 -12.77
C GLU B 332 -24.15 -41.05 -13.84
N ILE B 333 -23.81 -40.59 -15.05
CA ILE B 333 -24.79 -40.51 -16.13
C ILE B 333 -25.28 -41.89 -16.50
N ARG B 334 -24.37 -42.83 -16.67
CA ARG B 334 -24.77 -44.17 -17.08
C ARG B 334 -25.60 -44.87 -16.00
N ALA B 335 -25.19 -44.75 -14.73
CA ALA B 335 -25.94 -45.37 -13.63
C ALA B 335 -27.36 -44.84 -13.55
N ALA B 336 -27.55 -43.55 -13.78
CA ALA B 336 -28.88 -42.95 -13.67
C ALA B 336 -29.75 -43.25 -14.87
N ILE B 337 -29.19 -43.17 -16.08
CA ILE B 337 -30.00 -43.10 -17.27
C ILE B 337 -30.03 -44.42 -18.03
N GLY B 338 -29.00 -45.26 -17.90
CA GLY B 338 -28.90 -46.46 -18.69
C GLY B 338 -28.17 -46.28 -20.00
N ALA B 339 -27.73 -45.07 -20.32
CA ALA B 339 -26.90 -44.82 -21.47
C ALA B 339 -25.94 -43.69 -21.13
N GLY B 340 -24.94 -43.50 -21.97
CA GLY B 340 -23.91 -42.53 -21.70
C GLY B 340 -23.89 -41.36 -22.65
N PRO B 341 -22.95 -40.44 -22.43
CA PRO B 341 -22.80 -39.28 -23.32
C PRO B 341 -22.87 -39.67 -24.78
N GLY B 342 -23.53 -38.82 -25.58
CA GLY B 342 -23.69 -39.10 -26.99
C GLY B 342 -24.93 -39.89 -27.35
N SER B 343 -25.69 -40.37 -26.35
CA SER B 343 -26.96 -41.05 -26.60
C SER B 343 -28.02 -40.61 -25.60
N LEU B 344 -27.97 -39.36 -25.15
CA LEU B 344 -28.87 -38.84 -24.12
C LEU B 344 -29.92 -37.93 -24.76
N GLY B 345 -31.10 -37.90 -24.13
CA GLY B 345 -32.16 -37.03 -24.57
C GLY B 345 -33.31 -36.99 -23.58
N PRO B 346 -34.35 -36.21 -23.89
CA PRO B 346 -35.46 -36.03 -22.95
C PRO B 346 -36.45 -37.18 -22.89
N VAL B 347 -36.40 -38.12 -23.83
CA VAL B 347 -37.39 -39.18 -23.93
C VAL B 347 -36.99 -40.34 -23.02
N ASN B 348 -37.91 -40.75 -22.13
CA ASN B 348 -37.64 -41.79 -21.12
C ASN B 348 -36.43 -41.41 -20.29
N LEU B 349 -36.42 -40.15 -19.85
CA LEU B 349 -35.31 -39.63 -19.07
C LEU B 349 -35.70 -39.78 -17.60
N PRO B 350 -35.09 -40.70 -16.85
CA PRO B 350 -35.54 -40.95 -15.47
C PRO B 350 -35.06 -39.91 -14.47
N ILE B 351 -34.61 -38.75 -14.95
CA ILE B 351 -34.19 -37.67 -14.07
C ILE B 351 -34.93 -36.40 -14.49
N ALA B 352 -34.96 -35.44 -13.58
CA ALA B 352 -35.60 -34.17 -13.86
C ALA B 352 -34.89 -33.44 -15.00
N CYS B 353 -35.66 -32.70 -15.77
CA CYS B 353 -35.15 -32.00 -16.94
C CYS B 353 -35.66 -30.56 -16.95
N ILE B 354 -34.82 -29.63 -17.40
CA ILE B 354 -35.23 -28.26 -17.74
C ILE B 354 -34.74 -27.95 -19.15
N VAL B 355 -35.63 -27.44 -20.01
CA VAL B 355 -35.29 -27.12 -21.39
C VAL B 355 -35.27 -25.61 -21.61
N ASP B 356 -34.28 -25.15 -22.38
CA ASP B 356 -34.17 -23.74 -22.72
C ASP B 356 -35.40 -23.28 -23.51
N ARG B 357 -35.73 -21.99 -23.36
CA ARG B 357 -36.86 -21.40 -24.07
C ARG B 357 -36.85 -21.76 -25.55
N SER B 358 -35.68 -21.67 -26.20
CA SER B 358 -35.64 -21.95 -27.63
C SER B 358 -35.92 -23.42 -27.89
N VAL B 359 -35.60 -24.29 -26.94
CA VAL B 359 -35.77 -25.72 -27.14
C VAL B 359 -37.24 -26.12 -27.07
N ALA B 360 -38.06 -25.36 -26.32
CA ALA B 360 -39.49 -25.67 -26.21
C ALA B 360 -40.26 -25.41 -27.50
N LEU B 361 -39.73 -24.58 -28.40
CA LEU B 361 -40.38 -24.28 -29.67
C LEU B 361 -39.95 -25.23 -30.79
N MET B 362 -38.95 -26.07 -30.55
CA MET B 362 -38.48 -27.01 -31.58
C MET B 362 -39.56 -28.01 -31.96
N SER B 363 -39.37 -28.63 -33.13
CA SER B 363 -40.34 -29.57 -33.67
C SER B 363 -39.64 -30.48 -34.66
N ASP B 364 -40.03 -31.75 -34.67
CA ASP B 364 -39.43 -32.75 -35.57
C ASP B 364 -37.92 -32.83 -35.34
N PHE B 365 -37.49 -32.82 -34.09
CA PHE B 365 -36.06 -32.73 -33.79
C PHE B 365 -35.46 -34.09 -33.42
N ALA B 366 -34.13 -34.10 -33.32
CA ALA B 366 -33.36 -35.31 -33.03
C ALA B 366 -32.81 -35.24 -31.61
N ALA B 367 -32.95 -36.35 -30.89
CA ALA B 367 -32.40 -36.49 -29.54
C ALA B 367 -31.79 -37.87 -29.37
N GLY B 368 -30.72 -37.93 -28.58
CA GLY B 368 -30.24 -39.24 -28.14
C GLY B 368 -31.36 -39.97 -27.41
N ALA B 369 -31.47 -41.27 -27.65
CA ALA B 369 -32.65 -41.99 -27.18
C ALA B 369 -32.53 -42.49 -25.75
N ASN B 370 -31.44 -42.16 -25.05
CA ASN B 370 -31.11 -42.78 -23.76
C ASN B 370 -30.99 -44.30 -23.91
N ILE B 371 -30.67 -44.71 -25.14
CA ILE B 371 -30.29 -46.07 -25.49
C ILE B 371 -28.98 -45.96 -26.24
N GLU B 372 -27.98 -46.73 -25.80
CA GLU B 372 -26.64 -46.56 -26.35
C GLU B 372 -26.63 -46.69 -27.88
N ASP B 373 -25.94 -45.76 -28.54
CA ASP B 373 -25.74 -45.78 -29.99
C ASP B 373 -27.03 -45.60 -30.78
N LYS B 374 -28.02 -44.89 -30.22
CA LYS B 374 -29.30 -44.64 -30.90
C LYS B 374 -29.82 -43.24 -30.61
N HIS B 375 -30.45 -42.65 -31.63
CA HIS B 375 -31.19 -41.40 -31.51
C HIS B 375 -32.64 -41.61 -31.93
N TYR B 376 -33.53 -40.77 -31.41
CA TYR B 376 -34.82 -40.54 -32.03
C TYR B 376 -34.69 -39.38 -33.01
N PHE B 377 -35.31 -39.54 -34.17
CA PHE B 377 -35.51 -38.45 -35.11
C PHE B 377 -36.99 -38.13 -35.15
N GLY B 378 -37.32 -36.88 -35.47
CA GLY B 378 -38.72 -36.47 -35.51
C GLY B 378 -39.43 -36.45 -34.18
N VAL B 379 -38.71 -36.13 -33.10
CA VAL B 379 -39.36 -35.90 -31.81
C VAL B 379 -40.24 -34.64 -31.88
N ASN B 380 -41.41 -34.71 -31.24
CA ASN B 380 -42.27 -33.53 -31.11
C ASN B 380 -42.80 -33.44 -29.70
N TRP B 381 -42.62 -32.27 -29.07
CA TRP B 381 -43.20 -32.04 -27.76
C TRP B 381 -44.71 -32.30 -27.78
N GLU B 382 -45.22 -32.76 -26.63
CA GLU B 382 -46.63 -33.05 -26.40
C GLU B 382 -47.04 -34.36 -27.08
N ARG B 383 -46.72 -34.54 -28.36
CA ARG B 383 -47.07 -35.79 -29.04
C ARG B 383 -46.26 -36.97 -28.53
N ASP B 384 -44.94 -36.83 -28.48
CA ASP B 384 -44.09 -37.96 -28.14
C ASP B 384 -43.67 -37.99 -26.67
N LEU B 385 -43.81 -36.87 -25.95
CA LEU B 385 -43.37 -36.75 -24.57
C LEU B 385 -43.78 -35.37 -24.06
N PRO B 386 -43.95 -35.20 -22.76
CA PRO B 386 -44.39 -33.90 -22.24
C PRO B 386 -43.25 -32.89 -22.25
N LEU B 387 -43.58 -31.66 -22.57
CA LEU B 387 -42.63 -30.58 -22.39
C LEU B 387 -42.27 -30.45 -20.91
N PRO B 388 -41.00 -30.47 -20.55
CA PRO B 388 -40.66 -30.24 -19.14
C PRO B 388 -40.65 -28.75 -18.81
N GLU B 389 -40.03 -28.40 -17.67
CA GLU B 389 -39.92 -27.02 -17.27
C GLU B 389 -39.08 -26.26 -18.28
N VAL B 390 -39.46 -25.01 -18.52
CA VAL B 390 -38.76 -24.17 -19.49
C VAL B 390 -38.07 -23.05 -18.71
N ALA B 391 -36.86 -22.69 -19.14
CA ALA B 391 -36.13 -21.59 -18.52
C ALA B 391 -35.15 -21.00 -19.53
N ASP B 392 -34.60 -19.84 -19.16
CA ASP B 392 -33.56 -19.20 -19.95
C ASP B 392 -32.25 -19.83 -19.53
N LEU B 393 -31.72 -20.73 -20.37
CA LEU B 393 -30.54 -21.51 -20.04
C LEU B 393 -29.36 -21.23 -20.96
N ARG B 394 -29.58 -20.64 -22.13
CA ARG B 394 -28.52 -20.45 -23.10
C ARG B 394 -27.87 -19.07 -22.97
N ASN B 395 -26.73 -18.90 -23.63
CA ASN B 395 -26.18 -17.59 -23.91
C ASN B 395 -26.85 -17.00 -25.13
N VAL B 396 -27.04 -15.68 -25.12
CA VAL B 396 -27.48 -15.02 -26.35
C VAL B 396 -26.40 -15.12 -27.42
N VAL B 397 -26.80 -14.91 -28.67
CA VAL B 397 -25.87 -14.86 -29.79
C VAL B 397 -26.17 -13.62 -30.61
N GLU B 398 -25.18 -13.23 -31.42
CA GLU B 398 -25.29 -12.05 -32.27
C GLU B 398 -26.60 -12.07 -33.05
N GLY B 399 -27.30 -10.94 -33.03
CA GLY B 399 -28.54 -10.85 -33.76
C GLY B 399 -29.77 -11.36 -33.03
N ASP B 400 -29.62 -11.92 -31.83
CA ASP B 400 -30.79 -12.33 -31.07
C ASP B 400 -31.67 -11.12 -30.76
N PRO B 401 -32.95 -11.33 -30.54
CA PRO B 401 -33.83 -10.21 -30.20
C PRO B 401 -33.44 -9.59 -28.86
N SER B 402 -33.47 -8.27 -28.81
CA SER B 402 -33.23 -7.63 -27.53
C SER B 402 -34.33 -8.05 -26.56
N PRO B 403 -33.98 -8.48 -25.35
CA PRO B 403 -35.01 -8.99 -24.43
C PRO B 403 -36.00 -7.93 -23.99
N ASP B 404 -35.74 -6.64 -24.23
CA ASP B 404 -36.70 -5.60 -23.94
C ASP B 404 -37.58 -5.27 -25.13
N GLY B 405 -37.53 -6.07 -26.19
CA GLY B 405 -38.37 -5.85 -27.35
C GLY B 405 -37.94 -4.73 -28.26
N LYS B 406 -36.74 -4.18 -28.08
CA LYS B 406 -36.25 -3.04 -28.86
C LYS B 406 -34.94 -3.43 -29.54
N GLY B 407 -34.99 -3.72 -30.84
CA GLY B 407 -33.79 -3.98 -31.61
C GLY B 407 -33.25 -5.39 -31.43
N THR B 408 -32.06 -5.60 -31.97
CA THR B 408 -31.37 -6.88 -31.80
C THR B 408 -30.00 -6.68 -31.15
N LEU B 409 -29.43 -7.79 -30.66
CA LEU B 409 -28.26 -7.77 -29.79
C LEU B 409 -26.96 -7.88 -30.58
N VAL B 410 -25.99 -7.06 -30.20
CA VAL B 410 -24.61 -7.15 -30.63
C VAL B 410 -23.78 -7.53 -29.42
N ILE B 411 -22.72 -8.30 -29.64
CA ILE B 411 -21.82 -8.74 -28.58
C ILE B 411 -20.46 -8.11 -28.85
N LYS B 412 -19.94 -7.39 -27.86
CA LYS B 412 -18.61 -6.80 -27.94
C LYS B 412 -17.74 -7.37 -26.83
N ARG B 413 -16.45 -7.07 -26.91
CA ARG B 413 -15.47 -7.54 -25.94
C ARG B 413 -15.12 -6.42 -24.96
N GLY B 414 -15.06 -6.76 -23.68
CA GLY B 414 -14.85 -5.78 -22.65
C GLY B 414 -13.81 -6.20 -21.65
N ILE B 415 -13.08 -5.20 -21.14
CA ILE B 415 -12.22 -5.32 -19.96
C ILE B 415 -12.96 -4.75 -18.76
N GLU B 416 -13.28 -5.58 -17.78
CA GLU B 416 -13.96 -5.10 -16.57
C GLU B 416 -13.01 -4.25 -15.73
N VAL B 417 -13.41 -3.00 -15.47
CA VAL B 417 -12.61 -2.06 -14.68
C VAL B 417 -13.34 -1.58 -13.43
N GLY B 418 -14.60 -1.96 -13.26
CA GLY B 418 -15.33 -1.63 -12.06
C GLY B 418 -16.49 -2.58 -11.89
N HIS B 419 -16.90 -2.76 -10.64
CA HIS B 419 -18.05 -3.57 -10.31
C HIS B 419 -18.72 -2.94 -9.09
N ILE B 420 -20.06 -2.88 -9.11
CA ILE B 420 -20.84 -2.44 -7.97
C ILE B 420 -21.91 -3.50 -7.74
N PHE B 421 -22.20 -3.77 -6.47
CA PHE B 421 -22.94 -4.98 -6.10
C PHE B 421 -23.73 -4.75 -4.81
N GLN B 422 -25.02 -5.10 -4.83
CA GLN B 422 -25.85 -5.03 -3.65
C GLN B 422 -25.66 -6.32 -2.87
N LEU B 423 -25.03 -6.22 -1.71
CA LEU B 423 -24.55 -7.39 -1.01
C LEU B 423 -25.58 -7.93 -0.03
N GLY B 424 -26.49 -7.09 0.44
CA GLY B 424 -27.47 -7.51 1.41
C GLY B 424 -26.85 -7.71 2.78
N THR B 425 -27.29 -8.74 3.48
CA THR B 425 -26.90 -8.94 4.87
C THR B 425 -25.97 -10.15 5.06
N LYS B 426 -25.30 -10.61 3.99
CA LYS B 426 -24.53 -11.84 4.09
C LYS B 426 -23.49 -11.76 5.21
N TYR B 427 -22.79 -10.63 5.30
CA TYR B 427 -21.75 -10.44 6.31
C TYR B 427 -22.32 -9.97 7.64
N SER B 428 -23.35 -9.13 7.63
CA SER B 428 -23.88 -8.63 8.89
C SER B 428 -24.64 -9.73 9.64
N GLU B 429 -25.22 -10.71 8.94
CA GLU B 429 -25.76 -11.87 9.64
C GLU B 429 -24.64 -12.69 10.27
N ALA B 430 -23.61 -13.00 9.48
CA ALA B 430 -22.56 -13.90 9.93
C ALA B 430 -21.73 -13.28 11.04
N MET B 431 -21.45 -11.99 10.95
CA MET B 431 -20.60 -11.31 11.90
C MET B 431 -21.38 -10.51 12.94
N LYS B 432 -22.71 -10.66 12.97
CA LYS B 432 -23.57 -10.02 13.97
C LYS B 432 -23.27 -8.51 14.04
N LEU B 433 -23.41 -7.88 12.89
CA LEU B 433 -23.42 -6.43 12.79
C LEU B 433 -24.87 -5.98 12.76
N SER B 434 -25.32 -5.35 13.83
CA SER B 434 -26.70 -4.97 13.98
C SER B 434 -26.79 -3.58 14.59
N VAL B 435 -27.84 -2.84 14.22
CA VAL B 435 -28.10 -1.50 14.75
C VAL B 435 -29.62 -1.35 14.91
N LEU B 436 -30.02 -0.67 15.97
CA LEU B 436 -31.43 -0.42 16.22
C LEU B 436 -31.99 0.61 15.26
N SER B 437 -33.09 0.27 14.60
CA SER B 437 -33.82 1.27 13.82
C SER B 437 -34.34 2.37 14.72
N GLU B 438 -34.80 3.46 14.10
CA GLU B 438 -35.31 4.59 14.89
C GLU B 438 -36.49 4.18 15.77
N GLN B 439 -37.21 3.13 15.39
CA GLN B 439 -38.35 2.63 16.14
C GLN B 439 -37.97 1.60 17.18
N GLY B 440 -36.68 1.29 17.33
CA GLY B 440 -36.20 0.40 18.36
C GLY B 440 -35.91 -1.03 17.95
N LYS B 441 -36.08 -1.40 16.62
CA LYS B 441 -35.92 -2.76 16.11
C LYS B 441 -34.49 -3.02 15.68
N PRO B 442 -33.84 -4.07 16.19
CA PRO B 442 -32.54 -4.47 15.63
C PRO B 442 -32.64 -4.74 14.13
N VAL B 443 -31.71 -4.16 13.38
CA VAL B 443 -31.67 -4.33 11.94
C VAL B 443 -30.27 -4.78 11.52
N ASN B 444 -30.20 -5.87 10.78
CA ASN B 444 -28.95 -6.31 10.21
C ASN B 444 -28.55 -5.38 9.08
N LEU B 445 -27.38 -4.75 9.21
CA LEU B 445 -27.01 -3.70 8.27
C LEU B 445 -26.94 -4.26 6.86
N ILE B 446 -27.62 -3.59 5.94
CA ILE B 446 -27.65 -4.00 4.53
C ILE B 446 -26.46 -3.34 3.83
N MET B 447 -25.67 -4.15 3.14
CA MET B 447 -24.37 -3.66 2.69
C MET B 447 -24.29 -3.61 1.17
N GLY B 448 -23.51 -2.65 0.68
CA GLY B 448 -23.14 -2.60 -0.72
C GLY B 448 -21.64 -2.52 -0.87
N CYS B 449 -21.13 -3.08 -1.98
CA CYS B 449 -19.70 -3.10 -2.28
CA CYS B 449 -19.70 -3.03 -2.25
C CYS B 449 -19.46 -2.54 -3.66
N TYR B 450 -18.40 -1.73 -3.79
CA TYR B 450 -18.06 -1.06 -5.02
C TYR B 450 -16.56 -1.12 -5.18
N GLY B 451 -16.11 -1.59 -6.35
CA GLY B 451 -14.68 -1.71 -6.60
C GLY B 451 -14.24 -1.22 -7.97
N ILE B 452 -13.07 -0.62 -8.04
CA ILE B 452 -12.43 -0.23 -9.29
C ILE B 452 -11.03 -0.82 -9.32
N GLY B 453 -10.67 -1.45 -10.43
CA GLY B 453 -9.32 -1.91 -10.59
C GLY B 453 -8.42 -0.79 -11.04
N VAL B 454 -7.88 -0.03 -10.09
CA VAL B 454 -7.06 1.13 -10.42
C VAL B 454 -5.85 0.70 -11.26
N SER B 455 -5.14 -0.34 -10.83
CA SER B 455 -4.02 -0.86 -11.63
C SER B 455 -4.52 -1.23 -13.02
N ARG B 456 -5.57 -2.04 -13.08
CA ARG B 456 -6.05 -2.54 -14.34
C ARG B 456 -6.46 -1.42 -15.29
N VAL B 457 -6.89 -0.26 -14.74
CA VAL B 457 -7.31 0.86 -15.57
C VAL B 457 -6.15 1.37 -16.42
N VAL B 458 -4.98 1.54 -15.80
CA VAL B 458 -3.81 2.02 -16.54
C VAL B 458 -3.59 1.17 -17.79
N ALA B 459 -3.69 -0.16 -17.63
CA ALA B 459 -3.47 -1.07 -18.75
C ALA B 459 -4.65 -1.06 -19.70
N ALA B 460 -5.88 -1.00 -19.17
CA ALA B 460 -7.07 -0.97 -20.02
C ALA B 460 -7.01 0.19 -20.99
N ALA B 461 -6.53 1.35 -20.53
CA ALA B 461 -6.49 2.52 -21.39
C ALA B 461 -5.61 2.26 -22.63
N ILE B 462 -4.52 1.54 -22.45
CA ILE B 462 -3.62 1.30 -23.58
C ILE B 462 -4.21 0.25 -24.52
N GLU B 463 -4.84 -0.81 -23.98
CA GLU B 463 -5.52 -1.78 -24.84
C GLU B 463 -6.44 -1.07 -25.80
N GLN B 464 -7.04 0.02 -25.35
CA GLN B 464 -7.99 0.76 -26.18
C GLN B 464 -7.32 1.84 -27.03
N ASN B 465 -6.21 2.43 -26.57
CA ASN B 465 -5.58 3.58 -27.24
C ASN B 465 -4.09 3.32 -27.41
N HIS B 466 -3.70 2.95 -28.62
CA HIS B 466 -2.31 2.71 -28.96
C HIS B 466 -2.20 2.76 -30.47
N ASP B 467 -0.99 2.97 -30.98
CA ASP B 467 -0.79 2.87 -32.41
C ASP B 467 0.57 2.25 -32.65
N GLU B 468 1.01 2.26 -33.91
CA GLU B 468 2.32 1.71 -34.23
C GLU B 468 3.46 2.51 -33.63
N ARG B 469 3.24 3.76 -33.24
CA ARG B 469 4.30 4.52 -32.61
C ARG B 469 4.36 4.29 -31.11
N GLY B 470 3.35 3.66 -30.51
CA GLY B 470 3.37 3.40 -29.09
C GLY B 470 2.10 3.76 -28.37
N ILE B 471 2.25 4.26 -27.14
CA ILE B 471 1.11 4.49 -26.26
C ILE B 471 0.34 5.73 -26.69
N LEU B 472 -0.98 5.64 -26.67
CA LEU B 472 -1.84 6.83 -26.76
C LEU B 472 -2.58 6.93 -25.44
N TRP B 473 -2.27 7.97 -24.68
CA TRP B 473 -2.89 8.30 -23.41
C TRP B 473 -4.09 9.22 -23.63
N PRO B 474 -5.23 8.94 -23.00
CA PRO B 474 -6.19 10.02 -22.78
C PRO B 474 -5.53 11.17 -22.02
N SER B 475 -6.12 12.37 -22.17
CA SER B 475 -5.47 13.59 -21.69
C SER B 475 -5.18 13.56 -20.20
N ALA B 476 -6.09 12.99 -19.41
CA ALA B 476 -5.88 12.98 -17.96
C ALA B 476 -4.81 12.00 -17.50
N LEU B 477 -4.36 11.10 -18.36
CA LEU B 477 -3.40 10.08 -17.97
C LEU B 477 -1.99 10.31 -18.49
N ALA B 478 -1.79 11.20 -19.45
CA ALA B 478 -0.46 11.43 -20.01
C ALA B 478 0.53 11.75 -18.89
N PRO B 479 1.67 11.07 -18.82
CA PRO B 479 2.62 11.35 -17.72
C PRO B 479 3.26 12.72 -17.82
N PHE B 480 3.45 13.25 -19.02
CA PHE B 480 3.76 14.66 -19.23
C PHE B 480 2.96 15.16 -20.41
N GLN B 481 2.83 16.48 -20.51
CA GLN B 481 2.07 17.12 -21.57
C GLN B 481 2.95 17.55 -22.75
N ILE B 482 4.20 17.93 -22.48
CA ILE B 482 5.10 18.46 -23.49
C ILE B 482 6.48 17.85 -23.28
N ALA B 483 7.10 17.44 -24.38
CA ALA B 483 8.50 17.02 -24.39
C ALA B 483 9.31 18.07 -25.15
N LEU B 484 10.38 18.55 -24.53
CA LEU B 484 11.34 19.42 -25.18
C LEU B 484 12.51 18.58 -25.66
N VAL B 485 12.78 18.64 -26.95
CA VAL B 485 13.86 17.88 -27.59
C VAL B 485 14.83 18.85 -28.26
N PRO B 486 15.93 19.18 -27.61
CA PRO B 486 17.13 19.62 -28.35
C PRO B 486 18.04 18.40 -28.50
N LEU B 487 18.71 18.06 -29.62
CA LEU B 487 19.12 18.79 -30.83
C LEU B 487 20.26 19.73 -30.50
N LYS B 488 21.44 19.12 -30.34
CA LYS B 488 22.67 19.82 -30.01
C LYS B 488 22.52 20.64 -28.73
N TYR B 489 21.93 20.03 -27.70
CA TYR B 489 21.58 20.73 -26.46
C TYR B 489 22.79 21.39 -25.80
N GLU B 490 24.01 20.98 -26.15
CA GLU B 490 25.20 21.61 -25.60
C GLU B 490 25.45 23.01 -26.17
N THR B 491 24.87 23.33 -27.34
CA THR B 491 24.98 24.66 -27.93
C THR B 491 24.41 25.71 -26.99
N GLU B 492 25.24 26.67 -26.58
CA GLU B 492 24.77 27.71 -25.66
C GLU B 492 23.50 28.39 -26.17
N SER B 493 23.46 28.69 -27.47
CA SER B 493 22.26 29.26 -28.08
C SER B 493 21.05 28.39 -27.81
N VAL B 494 21.19 27.08 -28.04
CA VAL B 494 20.04 26.20 -27.89
C VAL B 494 19.75 25.89 -26.42
N LYS B 495 20.78 25.81 -25.57
CA LYS B 495 20.54 25.43 -24.18
C LYS B 495 19.85 26.54 -23.42
N GLN B 496 20.04 27.80 -23.84
CA GLN B 496 19.39 28.88 -23.12
C GLN B 496 17.94 29.03 -23.57
N ALA B 497 17.69 29.01 -24.88
CA ALA B 497 16.31 28.97 -25.35
C ALA B 497 15.55 27.81 -24.73
N THR B 498 16.18 26.63 -24.65
CA THR B 498 15.50 25.45 -24.15
C THR B 498 15.20 25.59 -22.66
N ASP B 499 16.20 25.95 -21.86
CA ASP B 499 16.00 26.02 -20.42
C ASP B 499 14.99 27.10 -20.05
N LYS B 500 15.00 28.22 -20.80
CA LYS B 500 13.98 29.25 -20.61
C LYS B 500 12.60 28.71 -20.96
N LEU B 501 12.50 27.99 -22.09
CA LEU B 501 11.21 27.42 -22.52
C LEU B 501 10.67 26.44 -21.48
N TYR B 502 11.52 25.61 -20.88
CA TYR B 502 11.10 24.74 -19.79
C TYR B 502 10.48 25.57 -18.68
N ALA B 503 11.16 26.65 -18.31
CA ALA B 503 10.69 27.48 -17.20
C ALA B 503 9.36 28.14 -17.51
N GLU B 504 9.25 28.79 -18.67
CA GLU B 504 7.99 29.37 -19.10
C GLU B 504 6.86 28.35 -19.00
N LEU B 505 7.04 27.18 -19.64
CA LEU B 505 5.97 26.20 -19.72
C LEU B 505 5.65 25.62 -18.34
N THR B 506 6.68 25.38 -17.51
CA THR B 506 6.42 24.97 -16.13
C THR B 506 5.70 26.07 -15.37
N ALA B 507 6.16 27.32 -15.53
CA ALA B 507 5.52 28.45 -14.89
C ALA B 507 4.02 28.46 -15.17
N ALA B 508 3.64 28.26 -16.43
CA ALA B 508 2.23 28.26 -16.82
C ALA B 508 1.48 27.03 -16.37
N GLY B 509 2.15 26.12 -15.65
CA GLY B 509 1.50 24.99 -15.01
C GLY B 509 1.59 23.68 -15.74
N PHE B 510 2.19 23.66 -16.93
CA PHE B 510 2.25 22.45 -17.73
C PHE B 510 3.36 21.52 -17.23
N GLU B 511 3.17 20.23 -17.48
CA GLU B 511 4.09 19.20 -17.04
C GLU B 511 4.99 18.85 -18.21
N VAL B 512 6.25 19.26 -18.14
CA VAL B 512 7.19 19.19 -19.26
C VAL B 512 8.26 18.17 -18.94
N LEU B 513 8.48 17.24 -19.86
CA LEU B 513 9.64 16.37 -19.83
C LEU B 513 10.71 16.94 -20.76
N LEU B 514 11.93 17.11 -20.24
CA LEU B 514 13.03 17.69 -21.00
C LEU B 514 14.02 16.58 -21.37
N ASP B 515 14.25 16.39 -22.67
CA ASP B 515 15.15 15.34 -23.12
C ASP B 515 16.58 15.87 -23.15
N ASP B 516 17.29 15.68 -22.03
CA ASP B 516 18.63 16.18 -21.81
C ASP B 516 19.73 15.19 -22.21
N ARG B 517 19.41 14.19 -23.02
CA ARG B 517 20.40 13.19 -23.37
C ARG B 517 21.37 13.76 -24.40
N ASP B 518 22.60 13.25 -24.39
CA ASP B 518 23.65 13.80 -25.21
C ASP B 518 23.48 13.42 -26.67
N LYS B 519 24.44 13.82 -27.50
CA LYS B 519 24.42 13.50 -28.92
C LYS B 519 24.44 12.01 -29.18
N LYS B 520 24.96 11.21 -28.24
CA LYS B 520 25.01 9.78 -28.40
C LYS B 520 23.64 9.14 -28.59
N THR B 521 22.56 9.88 -28.31
CA THR B 521 21.19 9.47 -28.61
C THR B 521 20.66 10.34 -29.75
N SER B 522 20.42 9.71 -30.90
CA SER B 522 20.09 10.46 -32.10
C SER B 522 18.73 11.15 -31.97
N PRO B 523 18.53 12.24 -32.73
CA PRO B 523 17.23 12.93 -32.66
C PRO B 523 16.03 12.05 -33.02
N GLY B 524 16.15 11.24 -34.08
CA GLY B 524 15.08 10.31 -34.41
C GLY B 524 14.72 9.36 -33.27
N VAL B 525 15.73 8.86 -32.56
CA VAL B 525 15.47 8.00 -31.40
C VAL B 525 14.75 8.77 -30.30
N LYS B 526 15.23 9.97 -29.99
CA LYS B 526 14.52 10.81 -29.03
C LYS B 526 13.05 10.96 -29.43
N PHE B 527 12.81 11.24 -30.73
CA PHE B 527 11.45 11.41 -31.21
C PHE B 527 10.64 10.17 -30.96
N ALA B 528 11.20 9.01 -31.32
CA ALA B 528 10.50 7.76 -31.13
C ALA B 528 10.26 7.43 -29.66
N ASP B 529 11.17 7.86 -28.78
CA ASP B 529 10.98 7.59 -27.35
C ASP B 529 9.82 8.41 -26.81
N MET B 530 9.76 9.69 -27.16
CA MET B 530 8.68 10.56 -26.68
C MET B 530 7.34 10.08 -27.20
N GLU B 531 7.31 9.58 -28.45
CA GLU B 531 6.08 9.03 -29.00
C GLU B 531 5.68 7.75 -28.27
N LEU B 532 6.64 6.85 -28.07
CA LEU B 532 6.36 5.58 -27.43
C LEU B 532 5.72 5.77 -26.06
N ILE B 533 6.28 6.68 -25.25
CA ILE B 533 5.77 6.88 -23.89
C ILE B 533 4.49 7.69 -23.87
N GLY B 534 3.98 8.11 -25.04
CA GLY B 534 2.66 8.70 -25.12
C GLY B 534 2.57 10.19 -24.82
N ILE B 535 3.70 10.88 -24.75
CA ILE B 535 3.68 12.33 -24.53
C ILE B 535 2.96 12.99 -25.69
N PRO B 536 1.91 13.76 -25.43
CA PRO B 536 1.01 14.20 -26.51
C PRO B 536 1.51 15.38 -27.33
N HIS B 537 2.61 16.04 -26.95
CA HIS B 537 3.13 17.15 -27.73
C HIS B 537 4.64 17.21 -27.64
N ARG B 538 5.27 17.51 -28.77
CA ARG B 538 6.72 17.56 -28.89
C ARG B 538 7.13 18.94 -29.36
N ILE B 539 8.20 19.46 -28.79
CA ILE B 539 8.77 20.74 -29.21
C ILE B 539 10.25 20.54 -29.40
N VAL B 540 10.75 20.86 -30.60
CA VAL B 540 12.15 20.67 -30.96
C VAL B 540 12.79 22.05 -31.13
N ILE B 541 13.95 22.22 -30.52
CA ILE B 541 14.69 23.48 -30.53
C ILE B 541 16.01 23.21 -31.25
N SER B 542 16.36 24.10 -32.19
CA SER B 542 17.58 23.94 -32.99
C SER B 542 18.16 25.31 -33.28
N ASP B 543 19.48 25.36 -33.45
CA ASP B 543 20.12 26.63 -33.79
C ASP B 543 19.65 27.15 -35.14
N ARG B 544 19.35 26.25 -36.10
CA ARG B 544 18.88 26.67 -37.42
C ARG B 544 17.47 27.25 -37.38
N GLY B 545 16.66 26.87 -36.39
CA GLY B 545 15.33 27.42 -36.26
C GLY B 545 15.33 28.66 -35.39
N LEU B 546 16.27 28.71 -34.43
CA LEU B 546 16.43 29.91 -33.62
C LEU B 546 17.01 31.04 -34.46
N SER B 547 17.90 30.71 -35.40
CA SER B 547 18.31 31.68 -36.40
C SER B 547 17.09 32.24 -37.11
N GLU B 548 16.27 31.36 -37.69
CA GLU B 548 15.01 31.76 -38.30
C GLU B 548 13.96 32.20 -37.29
N GLY B 549 14.30 32.26 -36.00
CA GLY B 549 13.40 32.82 -34.99
C GLY B 549 12.15 32.02 -34.73
N VAL B 550 12.20 30.71 -34.97
CA VAL B 550 11.02 29.85 -35.02
C VAL B 550 11.22 28.65 -34.10
N LEU B 551 10.16 27.85 -33.94
CA LEU B 551 10.19 26.64 -33.11
C LEU B 551 9.42 25.51 -33.78
N GLU B 552 9.97 24.29 -33.72
CA GLU B 552 9.37 23.16 -34.40
C GLU B 552 8.45 22.40 -33.46
N TYR B 553 7.20 22.19 -33.89
CA TYR B 553 6.16 21.53 -33.10
C TYR B 553 5.64 20.31 -33.84
N LYS B 554 5.31 19.25 -33.10
CA LYS B 554 4.59 18.12 -33.65
C LYS B 554 3.72 17.50 -32.57
N GLY B 555 2.48 17.15 -32.94
CA GLY B 555 1.60 16.43 -32.05
C GLY B 555 1.79 14.92 -32.11
N ARG B 556 1.38 14.25 -31.04
CA ARG B 556 1.61 12.81 -30.93
C ARG B 556 0.90 12.06 -32.06
N ARG B 557 -0.31 12.48 -32.40
CA ARG B 557 -1.09 11.85 -33.47
C ARG B 557 -0.81 12.48 -34.83
N ASP B 558 -0.03 13.56 -34.87
CA ASP B 558 0.20 14.37 -36.07
C ASP B 558 1.12 13.69 -37.06
N SER B 559 0.99 14.14 -38.30
CA SER B 559 1.71 13.54 -39.41
C SER B 559 3.00 14.29 -39.73
N GLU B 560 2.92 15.61 -39.90
CA GLU B 560 4.09 16.43 -40.18
C GLU B 560 4.30 17.41 -39.03
N SER B 561 5.55 17.82 -38.84
CA SER B 561 5.85 18.84 -37.84
C SER B 561 5.36 20.20 -38.32
N GLN B 562 5.49 21.19 -37.45
CA GLN B 562 5.17 22.58 -37.78
C GLN B 562 6.38 23.45 -37.50
N ASN B 563 6.25 24.73 -37.84
CA ASN B 563 7.16 25.75 -37.37
C ASN B 563 6.31 26.90 -36.84
N LEU B 564 6.52 27.26 -35.57
CA LEU B 564 5.74 28.29 -34.94
C LEU B 564 6.68 29.44 -34.56
N PRO B 565 6.36 30.68 -34.92
CA PRO B 565 7.14 31.81 -34.40
C PRO B 565 7.17 31.72 -32.89
N ILE B 566 8.39 31.82 -32.33
CA ILE B 566 8.61 31.68 -30.89
C ILE B 566 7.55 32.45 -30.13
N GLY B 567 7.29 33.70 -30.54
CA GLY B 567 6.35 34.55 -29.83
C GLY B 567 4.95 33.98 -29.76
N GLU B 568 4.55 33.21 -30.77
CA GLU B 568 3.20 32.67 -30.82
C GLU B 568 3.07 31.33 -30.08
N LEU B 569 4.18 30.72 -29.66
CA LEU B 569 4.15 29.33 -29.22
C LEU B 569 3.35 29.13 -27.94
N MET B 570 3.57 30.00 -26.94
CA MET B 570 2.92 29.80 -25.65
C MET B 570 1.40 29.90 -25.75
N SER B 571 0.90 30.79 -26.63
CA SER B 571 -0.53 30.79 -26.90
C SER B 571 -0.95 29.51 -27.62
N PHE B 572 -0.10 29.01 -28.53
CA PHE B 572 -0.43 27.85 -29.34
C PHE B 572 -0.52 26.58 -28.50
N ILE B 573 0.42 26.39 -27.56
CA ILE B 573 0.39 25.22 -26.70
C ILE B 573 -0.75 25.32 -25.71
N THR B 574 -1.01 26.52 -25.20
CA THR B 574 -2.18 26.74 -24.35
C THR B 574 -3.45 26.26 -25.04
N GLU B 575 -3.58 26.57 -26.33
CA GLU B 575 -4.77 26.16 -27.07
C GLU B 575 -4.84 24.64 -27.18
N LYS B 576 -3.74 24.00 -27.57
CA LYS B 576 -3.74 22.54 -27.72
C LYS B 576 -4.18 21.84 -26.44
N LEU B 577 -3.67 22.31 -25.29
CA LEU B 577 -3.97 21.68 -24.02
C LEU B 577 -5.37 22.01 -23.51
N SER B 578 -5.96 23.11 -23.98
CA SER B 578 -7.35 23.54 -23.67
C SER B 578 -8.01 22.86 -22.48
MG MG C . 18.72 3.18 16.95
MG MG D . -16.84 -10.92 -14.26
#